data_1VBO
#
_entry.id   1VBO
#
_cell.length_a   138.217
_cell.length_b   72.296
_cell.length_c   59.373
_cell.angle_alpha   90.00
_cell.angle_beta   94.48
_cell.angle_gamma   90.00
#
_symmetry.space_group_name_H-M   'P 1 21 1'
#
loop_
_entity.id
_entity.type
_entity.pdbx_description
1 polymer artocarpin
2 branched alpha-D-mannopyranose-(1-3)-[alpha-D-mannopyranose-(1-6)]alpha-D-mannopyranose
3 non-polymer alpha-D-mannopyranose
4 water water
#
_entity_poly.entity_id   1
_entity_poly.type   'polypeptide(L)'
_entity_poly.pdbx_seq_one_letter_code
;(AYA)SQTITVGPWGGPGGNGWDDGSYTGIRQIELSYKEAIGSFSVIYDLNGDPFSGPKHTSKLPYKNVKIELKFPDEFL
ESVSGYTGPFSALATPTPVVRSLTFKTNKGRTFGPYGDEEGTYFNLPIENGLIVGFKGRTGDLLDAIGIHMSL
;
_entity_poly.pdbx_strand_id   A,B,C,D,E,F,G,H
#
loop_
_chem_comp.id
_chem_comp.type
_chem_comp.name
_chem_comp.formula
MAN D-saccharide, alpha linking alpha-D-mannopyranose 'C6 H12 O6'
#
# COMPACT_ATOMS: atom_id res chain seq x y z
N AYA A 1 12.54 20.96 -5.82
CA AYA A 1 11.13 20.74 -5.63
CB AYA A 1 10.63 19.89 -6.81
C AYA A 1 9.88 21.00 -4.77
O AYA A 1 9.61 20.25 -3.85
CT AYA A 1 13.23 21.87 -5.12
OT AYA A 1 13.02 23.05 -5.30
CM AYA A 1 14.26 21.39 -4.14
N SER A 2 8.86 22.17 -4.76
CA SER A 2 7.90 22.09 -3.67
C SER A 2 6.94 20.95 -3.94
N GLN A 3 6.20 20.55 -2.93
CA GLN A 3 5.26 19.43 -3.05
C GLN A 3 3.88 19.87 -2.60
N THR A 4 2.87 19.09 -2.92
CA THR A 4 1.51 19.42 -2.51
C THR A 4 0.86 18.14 -1.99
N ILE A 5 -0.17 18.29 -1.18
CA ILE A 5 -0.90 17.14 -0.69
C ILE A 5 -1.53 16.57 -1.95
N THR A 6 -1.30 15.29 -2.19
CA THR A 6 -1.83 14.65 -3.36
C THR A 6 -2.69 13.53 -2.91
N VAL A 7 -3.92 13.59 -3.34
CA VAL A 7 -4.88 12.62 -2.91
C VAL A 7 -5.51 11.88 -4.04
N GLY A 8 -5.85 10.64 -3.73
CA GLY A 8 -6.29 9.62 -4.63
C GLY A 8 -5.27 8.78 -5.35
N PRO A 9 -5.17 8.22 -6.85
CA PRO A 9 -6.07 8.09 -7.96
C PRO A 9 -7.31 7.23 -7.76
N TRP A 10 -8.40 7.64 -8.40
CA TRP A 10 -9.62 6.84 -8.35
C TRP A 10 -9.70 6.32 -9.78
N GLY A 11 -9.85 5.00 -9.90
CA GLY A 11 -9.90 4.39 -11.22
C GLY A 11 -8.97 3.20 -11.33
N GLY A 12 -8.67 2.79 -12.55
CA GLY A 12 -7.83 1.62 -12.75
C GLY A 12 -6.38 1.89 -13.12
N PRO A 13 -5.57 0.81 -13.21
CA PRO A 13 -4.15 0.89 -13.54
C PRO A 13 -3.83 0.95 -15.03
N GLY A 14 -4.87 0.93 -15.87
CA GLY A 14 -4.66 0.99 -17.31
C GLY A 14 -4.14 2.32 -17.84
N GLY A 15 -3.88 2.38 -19.14
CA GLY A 15 -3.42 3.60 -19.77
C GLY A 15 -2.04 4.06 -19.34
N ASN A 16 -1.71 5.31 -19.65
CA ASN A 16 -0.42 5.87 -19.29
C ASN A 16 -0.58 6.96 -18.26
N GLY A 17 0.28 6.93 -17.26
CA GLY A 17 0.21 7.91 -16.20
C GLY A 17 0.70 9.28 -16.62
N TRP A 18 0.04 10.30 -16.10
CA TRP A 18 0.40 11.69 -16.37
C TRP A 18 0.13 12.49 -15.10
N ASP A 19 0.87 13.59 -14.96
CA ASP A 19 0.73 14.48 -13.82
C ASP A 19 0.94 15.88 -14.36
N ASP A 20 -0.10 16.71 -14.29
CA ASP A 20 0.09 18.07 -14.78
C ASP A 20 0.87 18.95 -13.87
N GLY A 21 1.01 18.52 -12.61
CA GLY A 21 1.73 19.31 -11.64
C GLY A 21 0.80 20.21 -10.87
N SER A 22 1.37 21.22 -10.21
CA SER A 22 0.62 22.16 -9.38
C SER A 22 0.66 23.58 -9.88
N TYR A 23 -0.42 24.30 -9.66
CA TYR A 23 -0.51 25.68 -10.08
C TYR A 23 -1.14 26.58 -9.01
N THR A 24 -1.64 27.74 -9.41
CA THR A 24 -2.25 28.67 -8.47
C THR A 24 -3.75 28.42 -8.32
N GLY A 25 -4.36 27.83 -9.33
CA GLY A 25 -5.79 27.57 -9.24
C GLY A 25 -6.35 27.01 -10.53
N ILE A 26 -7.68 26.90 -10.62
CA ILE A 26 -8.31 26.37 -11.82
C ILE A 26 -9.28 27.34 -12.46
N ARG A 27 -9.09 27.58 -13.76
CA ARG A 27 -9.95 28.49 -14.51
C ARG A 27 -10.97 27.75 -15.37
N GLN A 28 -10.52 26.74 -16.09
CA GLN A 28 -11.42 26.03 -16.98
C GLN A 28 -11.10 24.54 -17.10
N ILE A 29 -12.14 23.72 -17.18
CA ILE A 29 -11.99 22.28 -17.33
C ILE A 29 -12.69 21.80 -18.60
N GLU A 30 -11.96 21.06 -19.43
CA GLU A 30 -12.49 20.52 -20.69
C GLU A 30 -12.46 19.01 -20.71
N LEU A 31 -13.61 18.38 -20.87
CA LEU A 31 -13.64 16.93 -20.93
C LEU A 31 -14.61 16.44 -22.00
N SER A 32 -14.43 15.20 -22.44
CA SER A 32 -15.32 14.60 -23.43
C SER A 32 -15.95 13.40 -22.75
N TYR A 33 -17.19 13.08 -23.10
CA TYR A 33 -17.86 11.98 -22.46
C TYR A 33 -18.96 11.37 -23.32
N LYS A 34 -19.39 10.20 -22.91
CA LYS A 34 -20.47 9.46 -23.54
C LYS A 34 -20.89 8.47 -22.47
N GLU A 35 -20.37 7.24 -22.54
CA GLU A 35 -20.70 6.23 -21.53
C GLU A 35 -19.60 6.21 -20.47
N ALA A 36 -18.50 6.89 -20.77
CA ALA A 36 -17.35 7.01 -19.88
C ALA A 36 -16.70 8.36 -20.19
N ILE A 37 -15.67 8.75 -19.43
CA ILE A 37 -15.03 10.02 -19.71
C ILE A 37 -13.89 9.76 -20.67
N GLY A 38 -13.80 10.58 -21.70
CA GLY A 38 -12.76 10.40 -22.68
C GLY A 38 -11.61 11.36 -22.44
N SER A 39 -11.70 12.55 -23.05
CA SER A 39 -10.67 13.58 -22.94
C SER A 39 -10.74 14.35 -21.62
N PHE A 40 -9.60 14.87 -21.21
CA PHE A 40 -9.52 15.65 -19.98
C PHE A 40 -8.32 16.58 -20.02
N SER A 41 -8.57 17.87 -19.92
CA SER A 41 -7.49 18.86 -19.94
C SER A 41 -7.99 20.07 -19.20
N VAL A 42 -7.07 20.87 -18.67
CA VAL A 42 -7.55 22.03 -17.93
C VAL A 42 -6.71 23.26 -18.17
N ILE A 43 -7.35 24.40 -17.98
CA ILE A 43 -6.66 25.67 -18.11
C ILE A 43 -6.57 26.14 -16.67
N TYR A 44 -5.33 26.17 -16.21
CA TYR A 44 -5.01 26.54 -14.83
C TYR A 44 -4.75 28.02 -14.74
N ASP A 45 -4.70 28.51 -13.51
CA ASP A 45 -4.31 29.88 -13.29
C ASP A 45 -2.87 29.76 -12.80
N LEU A 46 -1.98 30.58 -13.35
CA LEU A 46 -0.61 30.57 -12.91
C LEU A 46 -0.28 32.00 -12.52
N ASN A 47 -0.39 32.28 -11.24
CA ASN A 47 -0.08 33.61 -10.73
C ASN A 47 -0.86 34.72 -11.45
N GLY A 48 -2.15 34.50 -11.67
CA GLY A 48 -2.94 35.54 -12.33
C GLY A 48 -3.15 35.42 -13.83
N ASP A 49 -2.33 34.64 -14.53
CA ASP A 49 -2.47 34.47 -15.96
C ASP A 49 -2.96 33.05 -16.32
N PRO A 50 -3.78 32.92 -17.39
CA PRO A 50 -4.27 31.59 -17.78
C PRO A 50 -3.08 30.76 -18.25
N PHE A 51 -3.13 29.45 -18.01
CA PHE A 51 -2.04 28.57 -18.40
C PHE A 51 -2.62 27.24 -18.80
N SER A 52 -2.38 26.85 -20.04
CA SER A 52 -2.90 25.60 -20.59
C SER A 52 -2.09 24.40 -20.10
N GLY A 53 -2.78 23.49 -19.43
CA GLY A 53 -2.11 22.30 -18.97
C GLY A 53 -2.04 21.34 -20.13
N PRO A 54 -1.21 20.29 -20.04
CA PRO A 54 -1.09 19.34 -21.14
C PRO A 54 -2.45 18.73 -21.45
N LYS A 55 -2.71 18.47 -22.74
CA LYS A 55 -3.97 17.86 -23.18
C LYS A 55 -3.91 16.33 -23.00
N HIS A 56 -4.96 15.75 -22.45
CA HIS A 56 -5.03 14.30 -22.26
C HIS A 56 -6.26 13.90 -23.06
N THR A 57 -6.09 14.08 -24.36
CA THR A 57 -7.12 13.83 -25.34
C THR A 57 -7.42 12.39 -25.73
N SER A 58 -8.70 12.11 -25.85
CA SER A 58 -9.17 10.78 -26.25
C SER A 58 -9.61 10.85 -27.72
N LYS A 59 -9.35 9.79 -28.48
CA LYS A 59 -9.74 9.77 -29.88
C LYS A 59 -11.20 9.38 -30.10
N LEU A 60 -11.84 8.78 -29.10
CA LEU A 60 -13.24 8.39 -29.25
C LEU A 60 -14.08 9.61 -29.63
N PRO A 61 -15.15 9.40 -30.43
CA PRO A 61 -16.03 10.49 -30.85
C PRO A 61 -17.04 10.77 -29.75
N TYR A 62 -16.57 11.44 -28.70
CA TYR A 62 -17.43 11.77 -27.56
C TYR A 62 -17.87 13.24 -27.59
N LYS A 63 -18.88 13.55 -26.79
CA LYS A 63 -19.41 14.92 -26.69
C LYS A 63 -18.50 15.76 -25.82
N ASN A 64 -18.10 16.92 -26.31
CA ASN A 64 -17.22 17.81 -25.55
C ASN A 64 -17.99 18.83 -24.70
N VAL A 65 -17.44 19.17 -23.55
CA VAL A 65 -18.04 20.16 -22.65
C VAL A 65 -16.93 21.06 -22.12
N LYS A 66 -17.30 22.30 -21.85
CA LYS A 66 -16.35 23.27 -21.30
C LYS A 66 -16.94 23.80 -20.01
N ILE A 67 -16.18 23.67 -18.93
CA ILE A 67 -16.61 24.14 -17.62
C ILE A 67 -15.78 25.37 -17.29
N GLU A 68 -16.41 26.54 -17.36
CA GLU A 68 -15.71 27.79 -17.05
C GLU A 68 -16.05 28.25 -15.64
N LEU A 69 -15.04 28.28 -14.77
CA LEU A 69 -15.26 28.72 -13.42
C LEU A 69 -15.04 30.22 -13.37
N LYS A 70 -15.72 30.90 -12.45
CA LYS A 70 -15.56 32.35 -12.33
C LYS A 70 -14.40 32.61 -11.37
N PHE A 71 -13.20 32.29 -11.84
CA PHE A 71 -11.98 32.46 -11.05
C PHE A 71 -11.79 33.95 -10.76
N PRO A 72 -11.40 34.30 -9.53
CA PRO A 72 -11.14 33.40 -8.41
C PRO A 72 -12.23 33.36 -7.33
N ASP A 73 -13.40 33.91 -7.62
CA ASP A 73 -14.50 33.93 -6.65
C ASP A 73 -15.14 32.58 -6.53
N GLU A 74 -15.07 31.83 -7.62
CA GLU A 74 -15.66 30.50 -7.68
C GLU A 74 -14.56 29.46 -7.86
N PHE A 75 -14.66 28.37 -7.12
CA PHE A 75 -13.68 27.29 -7.22
C PHE A 75 -14.35 25.97 -6.86
N LEU A 76 -13.74 24.85 -7.25
CA LEU A 76 -14.28 23.54 -6.94
C LEU A 76 -14.40 23.27 -5.45
N GLU A 77 -15.56 22.81 -5.02
CA GLU A 77 -15.81 22.50 -3.63
C GLU A 77 -15.88 20.97 -3.45
N SER A 78 -16.07 20.24 -4.54
CA SER A 78 -16.13 18.79 -4.47
C SER A 78 -16.05 18.14 -5.85
N VAL A 79 -15.46 16.96 -5.89
CA VAL A 79 -15.28 16.20 -7.10
C VAL A 79 -15.87 14.81 -6.74
N SER A 80 -16.69 14.24 -7.62
CA SER A 80 -17.25 12.93 -7.36
C SER A 80 -17.46 12.22 -8.69
N GLY A 81 -17.64 10.92 -8.65
CA GLY A 81 -17.84 10.19 -9.89
C GLY A 81 -17.98 8.69 -9.69
N TYR A 82 -17.90 7.97 -10.81
CA TYR A 82 -18.01 6.53 -10.78
C TYR A 82 -16.89 5.86 -11.56
N THR A 83 -16.44 4.73 -11.02
CA THR A 83 -15.38 3.94 -11.64
C THR A 83 -15.89 2.53 -11.80
N GLY A 84 -15.57 1.93 -12.94
CA GLY A 84 -16.00 0.58 -13.20
C GLY A 84 -15.49 0.13 -14.55
N PRO A 85 -15.52 -1.18 -14.83
CA PRO A 85 -15.04 -1.64 -16.13
C PRO A 85 -15.99 -1.15 -17.22
N PHE A 86 -15.54 -1.17 -18.46
CA PHE A 86 -16.36 -0.72 -19.56
C PHE A 86 -16.29 -1.71 -20.74
N SER A 87 -17.38 -2.45 -20.88
CA SER A 87 -17.65 -3.45 -21.88
C SER A 87 -17.11 -3.17 -23.26
N ALA A 88 -17.42 -1.98 -23.74
CA ALA A 88 -17.00 -1.52 -25.05
C ALA A 88 -15.49 -1.48 -25.27
N LEU A 89 -14.70 -1.69 -24.23
CA LEU A 89 -13.25 -1.70 -24.38
C LEU A 89 -12.80 -3.15 -24.49
N ALA A 90 -11.55 -3.34 -24.89
CA ALA A 90 -10.99 -4.68 -25.01
C ALA A 90 -10.37 -5.04 -23.68
N THR A 91 -9.90 -4.02 -22.97
CA THR A 91 -9.27 -4.19 -21.64
C THR A 91 -10.36 -4.21 -20.59
N PRO A 92 -10.19 -5.05 -19.55
CA PRO A 92 -11.10 -5.24 -18.42
C PRO A 92 -10.89 -4.38 -17.18
N THR A 93 -9.83 -3.57 -17.16
CA THR A 93 -9.54 -2.73 -16.01
C THR A 93 -10.53 -1.58 -15.84
N PRO A 94 -10.82 -1.18 -14.58
CA PRO A 94 -11.76 -0.09 -14.30
C PRO A 94 -11.32 1.24 -14.95
N VAL A 95 -12.31 2.05 -15.28
CA VAL A 95 -12.06 3.33 -15.95
C VAL A 95 -13.02 4.36 -15.31
N VAL A 96 -12.78 5.66 -15.50
CA VAL A 96 -13.67 6.62 -14.86
C VAL A 96 -14.89 6.68 -15.82
N ARG A 97 -16.02 6.24 -15.29
CA ARG A 97 -17.24 6.19 -16.08
C ARG A 97 -18.01 7.49 -15.99
N SER A 98 -17.89 8.17 -14.85
CA SER A 98 -18.60 9.41 -14.63
C SER A 98 -17.85 10.42 -13.76
N LEU A 99 -18.17 11.70 -13.95
CA LEU A 99 -17.56 12.80 -13.19
C LEU A 99 -18.62 13.85 -12.91
N THR A 100 -18.57 14.44 -11.72
CA THR A 100 -19.49 15.48 -11.30
C THR A 100 -18.68 16.53 -10.51
N PHE A 101 -18.87 17.81 -10.83
CA PHE A 101 -18.15 18.88 -10.16
C PHE A 101 -19.11 19.87 -9.47
N LYS A 102 -18.87 20.18 -8.21
CA LYS A 102 -19.71 21.15 -7.50
C LYS A 102 -18.82 22.33 -7.11
N THR A 103 -19.41 23.51 -7.21
CA THR A 103 -18.75 24.79 -6.96
C THR A 103 -19.14 25.40 -5.60
N ASN A 104 -18.32 26.30 -5.09
CA ASN A 104 -18.61 26.97 -3.82
C ASN A 104 -19.79 27.91 -3.99
N LYS A 105 -20.05 28.30 -5.24
CA LYS A 105 -21.16 29.20 -5.58
C LYS A 105 -22.45 28.43 -5.78
N GLY A 106 -22.43 27.11 -5.55
CA GLY A 106 -23.65 26.33 -5.71
C GLY A 106 -23.95 25.76 -7.09
N ARG A 107 -23.04 25.93 -8.04
CA ARG A 107 -23.26 25.41 -9.38
C ARG A 107 -22.79 23.96 -9.42
N THR A 108 -23.54 23.13 -10.15
CA THR A 108 -23.20 21.71 -10.29
C THR A 108 -23.00 21.45 -11.78
N PHE A 109 -21.91 20.81 -12.15
CA PHE A 109 -21.69 20.55 -13.56
C PHE A 109 -21.91 19.08 -13.90
N GLY A 110 -23.06 18.81 -14.52
CA GLY A 110 -23.41 17.45 -14.90
C GLY A 110 -23.61 16.61 -13.66
N PRO A 111 -23.33 15.30 -13.67
CA PRO A 111 -22.89 13.98 -14.10
C PRO A 111 -22.69 13.81 -15.59
N TYR A 112 -21.42 13.67 -15.97
CA TYR A 112 -21.05 13.45 -17.36
C TYR A 112 -20.67 11.98 -17.41
N GLY A 113 -21.31 11.22 -18.30
CA GLY A 113 -21.02 9.80 -18.42
C GLY A 113 -22.04 8.95 -17.69
N ASP A 114 -21.78 7.65 -17.64
CA ASP A 114 -22.66 6.69 -16.98
C ASP A 114 -22.38 6.63 -15.48
N GLU A 115 -23.43 6.87 -14.69
CA GLU A 115 -23.34 6.85 -13.25
C GLU A 115 -23.47 5.38 -12.84
N GLU A 116 -22.48 4.58 -13.24
CA GLU A 116 -22.45 3.14 -13.01
C GLU A 116 -21.12 2.63 -12.45
N GLY A 117 -21.19 1.79 -11.42
CA GLY A 117 -19.98 1.24 -10.84
C GLY A 117 -19.75 1.60 -9.38
N THR A 118 -18.50 1.73 -8.98
CA THR A 118 -18.19 2.10 -7.60
C THR A 118 -17.96 3.62 -7.50
N TYR A 119 -18.69 4.22 -6.58
CA TYR A 119 -18.70 5.65 -6.32
C TYR A 119 -17.49 6.20 -5.54
N PHE A 120 -17.07 7.42 -5.86
CA PHE A 120 -15.99 8.10 -5.14
C PHE A 120 -16.47 9.52 -4.94
N ASN A 121 -16.14 10.09 -3.79
CA ASN A 121 -16.61 11.44 -3.44
C ASN A 121 -15.56 12.20 -2.62
N LEU A 122 -15.15 13.37 -3.12
CA LEU A 122 -14.17 14.18 -2.41
C LEU A 122 -14.72 15.56 -2.07
N PRO A 123 -15.34 15.69 -0.89
CA PRO A 123 -15.91 16.97 -0.44
C PRO A 123 -14.79 17.78 0.20
N ILE A 124 -14.65 19.04 -0.19
CA ILE A 124 -13.59 19.87 0.37
C ILE A 124 -14.13 20.96 1.26
N GLU A 125 -13.78 20.91 2.55
CA GLU A 125 -14.22 21.90 3.51
C GLU A 125 -13.28 23.10 3.53
N ASN A 126 -11.98 22.84 3.37
CA ASN A 126 -11.00 23.93 3.35
C ASN A 126 -9.83 23.48 2.50
N GLY A 127 -9.43 24.33 1.56
CA GLY A 127 -8.34 23.99 0.67
C GLY A 127 -8.78 24.21 -0.77
N LEU A 128 -7.85 24.05 -1.69
CA LEU A 128 -8.13 24.27 -3.11
C LEU A 128 -7.49 23.18 -3.96
N ILE A 129 -8.22 22.73 -4.99
CA ILE A 129 -7.64 21.76 -5.90
C ILE A 129 -6.73 22.67 -6.72
N VAL A 130 -5.48 22.26 -6.88
CA VAL A 130 -4.51 23.10 -7.53
C VAL A 130 -3.79 22.42 -8.71
N GLY A 131 -4.23 21.22 -9.05
CA GLY A 131 -3.63 20.47 -10.14
C GLY A 131 -4.27 19.09 -10.23
N PHE A 132 -4.19 18.48 -11.41
CA PHE A 132 -4.75 17.16 -11.61
C PHE A 132 -3.66 16.18 -11.99
N LYS A 133 -3.94 14.92 -11.71
CA LYS A 133 -3.03 13.82 -11.97
C LYS A 133 -3.96 12.73 -12.46
N GLY A 134 -3.48 11.80 -13.26
CA GLY A 134 -4.35 10.73 -13.74
C GLY A 134 -3.73 9.75 -14.72
N ARG A 135 -4.58 8.94 -15.34
CA ARG A 135 -4.10 7.98 -16.33
C ARG A 135 -5.03 8.01 -17.53
N THR A 136 -4.42 8.03 -18.70
CA THR A 136 -5.18 8.05 -19.95
C THR A 136 -4.64 7.01 -20.95
N GLY A 137 -5.56 6.28 -21.56
CA GLY A 137 -5.20 5.30 -22.57
C GLY A 137 -6.04 5.76 -23.74
N ASP A 138 -7.15 5.07 -24.02
CA ASP A 138 -8.06 5.49 -25.06
C ASP A 138 -9.08 6.42 -24.37
N LEU A 139 -9.26 6.21 -23.07
CA LEU A 139 -10.17 6.95 -22.21
C LEU A 139 -9.44 7.41 -20.98
N LEU A 140 -10.19 8.01 -20.05
CA LEU A 140 -9.64 8.43 -18.77
C LEU A 140 -9.70 7.21 -17.82
N ASP A 141 -8.56 6.59 -17.57
CA ASP A 141 -8.54 5.42 -16.68
C ASP A 141 -8.66 5.80 -15.21
N ALA A 142 -7.96 6.85 -14.81
CA ALA A 142 -7.98 7.29 -13.41
C ALA A 142 -7.76 8.80 -13.29
N ILE A 143 -8.21 9.34 -12.16
CA ILE A 143 -8.11 10.76 -11.90
C ILE A 143 -7.66 10.99 -10.45
N GLY A 144 -6.76 11.94 -10.26
CA GLY A 144 -6.26 12.26 -8.93
C GLY A 144 -6.13 13.76 -8.80
N ILE A 145 -5.96 14.23 -7.56
CA ILE A 145 -5.86 15.65 -7.27
C ILE A 145 -4.71 16.14 -6.41
N HIS A 146 -4.23 17.33 -6.70
CA HIS A 146 -3.19 18.00 -5.92
C HIS A 146 -3.94 19.13 -5.15
N MET A 147 -3.62 19.33 -3.86
CA MET A 147 -4.29 20.36 -3.08
C MET A 147 -3.34 21.27 -2.30
N SER A 148 -3.81 22.50 -2.05
CA SER A 148 -3.06 23.51 -1.30
C SER A 148 -4.01 24.45 -0.59
N LEU A 149 -3.47 25.33 0.24
CA LEU A 149 -4.25 26.32 0.96
C LEU A 149 -4.28 27.63 0.15
N AYA B 1 -5.09 31.98 14.45
CA AYA B 1 -5.03 30.64 13.91
CB AYA B 1 -6.53 30.06 14.20
C AYA B 1 -4.65 29.78 12.68
O AYA B 1 -5.22 29.94 11.62
CT AYA B 1 -4.05 32.78 14.33
OT AYA B 1 -2.97 32.44 14.80
CM AYA B 1 -4.26 34.12 13.63
N SER B 2 -3.45 28.75 12.68
CA SER B 2 -3.15 28.19 11.37
C SER B 2 -4.28 27.27 10.94
N GLN B 3 -4.32 26.96 9.65
CA GLN B 3 -5.37 26.11 9.11
C GLN B 3 -4.77 24.91 8.38
N THR B 4 -5.58 23.91 8.12
CA THR B 4 -5.09 22.73 7.42
C THR B 4 -6.11 22.36 6.36
N ILE B 5 -5.66 21.66 5.32
CA ILE B 5 -6.56 21.22 4.29
C ILE B 5 -7.49 20.26 5.00
N THR B 6 -8.79 20.52 4.91
CA THR B 6 -9.75 19.68 5.57
C THR B 6 -10.65 19.08 4.52
N VAL B 7 -10.69 17.77 4.55
CA VAL B 7 -11.43 17.07 3.54
C VAL B 7 -12.49 16.18 4.12
N GLY B 8 -13.55 16.04 3.35
CA GLY B 8 -14.61 15.16 3.78
C GLY B 8 -15.64 16.11 4.35
N PRO B 9 -16.77 15.75 5.49
CA PRO B 9 -17.29 14.68 6.30
C PRO B 9 -18.01 13.64 5.46
N TRP B 10 -17.78 12.37 5.75
CA TRP B 10 -18.47 11.29 5.07
C TRP B 10 -19.41 10.82 6.17
N GLY B 11 -20.69 10.71 5.85
CA GLY B 11 -21.66 10.29 6.83
C GLY B 11 -22.87 11.22 6.86
N GLY B 12 -23.67 11.12 7.91
CA GLY B 12 -24.86 11.95 7.98
C GLY B 12 -24.78 13.17 8.87
N PRO B 13 -25.85 13.98 8.91
CA PRO B 13 -25.94 15.20 9.71
C PRO B 13 -26.35 15.00 11.16
N GLY B 14 -26.58 13.74 11.55
CA GLY B 14 -27.00 13.47 12.91
C GLY B 14 -25.92 13.69 13.97
N GLY B 15 -26.29 13.50 15.22
CA GLY B 15 -25.35 13.66 16.32
C GLY B 15 -24.82 15.07 16.53
N ASN B 16 -23.77 15.19 17.32
CA ASN B 16 -23.17 16.49 17.59
C ASN B 16 -21.81 16.61 16.93
N GLY B 17 -21.55 17.75 16.32
CA GLY B 17 -20.28 17.94 15.66
C GLY B 17 -19.12 18.17 16.62
N TRP B 18 -17.97 17.62 16.27
CA TRP B 18 -16.75 17.79 17.04
C TRP B 18 -15.57 17.89 16.06
N ASP B 19 -14.51 18.56 16.50
CA ASP B 19 -13.31 18.76 15.70
C ASP B 19 -12.16 18.70 16.69
N ASP B 20 -11.30 17.70 16.57
CA ASP B 20 -10.20 17.58 17.49
C ASP B 20 -9.07 18.54 17.16
N GLY B 21 -9.13 19.10 15.96
CA GLY B 21 -8.09 20.03 15.55
C GLY B 21 -6.94 19.33 14.86
N SER B 22 -5.81 20.01 14.77
CA SER B 22 -4.62 19.49 14.09
C SER B 22 -3.44 19.28 15.01
N TYR B 23 -2.64 18.28 14.69
CA TYR B 23 -1.46 17.94 15.47
C TYR B 23 -0.26 17.65 14.56
N THR B 24 0.71 16.92 15.09
CA THR B 24 1.91 16.61 14.33
C THR B 24 1.79 15.28 13.64
N GLY B 25 0.91 14.43 14.14
CA GLY B 25 0.79 13.11 13.53
C GLY B 25 -0.13 12.21 14.34
N ILE B 26 -0.20 10.94 13.97
CA ILE B 26 -1.08 10.00 14.65
C ILE B 26 -0.32 8.81 15.21
N ARG B 27 -0.52 8.55 16.50
CA ARG B 27 0.14 7.42 17.17
C ARG B 27 -0.78 6.24 17.37
N GLN B 28 -2.00 6.50 17.82
CA GLN B 28 -2.93 5.42 18.10
C GLN B 28 -4.38 5.80 17.87
N ILE B 29 -5.16 4.84 17.37
CA ILE B 29 -6.58 5.05 17.12
C ILE B 29 -7.40 4.00 17.87
N GLU B 30 -8.41 4.48 18.61
CA GLU B 30 -9.29 3.61 19.40
C GLU B 30 -10.75 3.75 18.96
N LEU B 31 -11.34 2.65 18.52
CA LEU B 31 -12.74 2.68 18.11
C LEU B 31 -13.49 1.44 18.59
N SER B 32 -14.82 1.58 18.70
CA SER B 32 -15.66 0.46 19.10
C SER B 32 -16.57 0.18 17.91
N TYR B 33 -16.90 -1.08 17.70
CA TYR B 33 -17.75 -1.43 16.57
C TYR B 33 -18.55 -2.71 16.79
N LYS B 34 -19.53 -2.88 15.93
CA LYS B 34 -20.40 -4.05 15.91
C LYS B 34 -20.98 -4.03 14.50
N GLU B 35 -22.19 -3.47 14.37
CA GLU B 35 -22.83 -3.39 13.04
C GLU B 35 -22.54 -2.01 12.44
N ALA B 36 -22.06 -1.11 13.29
CA ALA B 36 -21.70 0.25 12.90
C ALA B 36 -20.53 0.66 13.80
N ILE B 37 -19.95 1.84 13.58
CA ILE B 37 -18.84 2.27 14.43
C ILE B 37 -19.40 3.07 15.59
N GLY B 38 -18.95 2.75 16.79
CA GLY B 38 -19.45 3.44 17.96
C GLY B 38 -18.53 4.52 18.43
N SER B 39 -17.61 4.15 19.31
CA SER B 39 -16.64 5.08 19.86
C SER B 39 -15.48 5.39 18.91
N PHE B 40 -14.92 6.59 19.06
CA PHE B 40 -13.79 6.99 18.25
C PHE B 40 -12.96 8.03 18.96
N SER B 41 -11.70 7.71 19.20
CA SER B 41 -10.81 8.66 19.86
C SER B 41 -9.40 8.33 19.41
N VAL B 42 -8.51 9.31 19.45
CA VAL B 42 -7.16 9.04 19.01
C VAL B 42 -6.10 9.67 19.87
N ILE B 43 -4.94 9.04 19.84
CA ILE B 43 -3.79 9.56 20.55
C ILE B 43 -2.89 10.09 19.44
N TYR B 44 -2.79 11.40 19.43
CA TYR B 44 -1.99 12.10 18.43
C TYR B 44 -0.57 12.29 18.89
N ASP B 45 0.28 12.69 17.95
CA ASP B 45 1.62 13.04 18.32
C ASP B 45 1.58 14.58 18.34
N LEU B 46 2.19 15.18 19.35
CA LEU B 46 2.26 16.61 19.43
C LEU B 46 3.73 16.95 19.65
N ASN B 47 4.43 17.23 18.56
CA ASN B 47 5.83 17.57 18.61
C ASN B 47 6.70 16.55 19.33
N GLY B 48 6.46 15.27 19.06
CA GLY B 48 7.25 14.23 19.68
C GLY B 48 6.67 13.55 20.92
N ASP B 49 5.67 14.18 21.55
CA ASP B 49 5.05 13.60 22.74
C ASP B 49 3.63 13.12 22.47
N PRO B 50 3.22 12.01 23.11
CA PRO B 50 1.86 11.52 22.90
C PRO B 50 0.90 12.55 23.45
N PHE B 51 -0.25 12.69 22.81
CA PHE B 51 -1.26 13.64 23.26
C PHE B 51 -2.64 13.05 23.01
N SER B 52 -3.42 12.91 24.08
CA SER B 52 -4.76 12.35 24.00
C SER B 52 -5.76 13.33 23.46
N GLY B 53 -6.40 12.97 22.35
CA GLY B 53 -7.41 13.85 21.80
C GLY B 53 -8.68 13.62 22.59
N PRO B 54 -9.69 14.48 22.42
CA PRO B 54 -10.95 14.32 23.16
C PRO B 54 -11.58 12.96 22.83
N LYS B 55 -12.23 12.35 23.81
CA LYS B 55 -12.90 11.06 23.60
C LYS B 55 -14.27 11.30 22.98
N HIS B 56 -14.62 10.51 21.96
CA HIS B 56 -15.94 10.60 21.31
C HIS B 56 -16.53 9.22 21.50
N THR B 57 -16.78 8.93 22.76
CA THR B 57 -17.26 7.66 23.22
C THR B 57 -18.75 7.38 23.01
N SER B 58 -19.03 6.13 22.65
CA SER B 58 -20.39 5.64 22.43
C SER B 58 -20.76 4.73 23.61
N LYS B 59 -22.01 4.85 24.06
CA LYS B 59 -22.48 4.03 25.19
C LYS B 59 -22.87 2.60 24.79
N LEU B 60 -23.11 2.36 23.50
CA LEU B 60 -23.46 1.01 23.05
C LEU B 60 -22.39 0.01 23.47
N PRO B 61 -22.80 -1.23 23.78
CA PRO B 61 -21.87 -2.29 24.19
C PRO B 61 -21.19 -2.90 22.98
N TYR B 62 -20.27 -2.15 22.38
CA TYR B 62 -19.56 -2.61 21.20
C TYR B 62 -18.17 -3.15 21.53
N LYS B 63 -17.59 -3.88 20.58
CA LYS B 63 -16.25 -4.45 20.77
C LYS B 63 -15.21 -3.35 20.54
N ASN B 64 -14.24 -3.25 21.45
CA ASN B 64 -13.21 -2.24 21.34
C ASN B 64 -11.95 -2.77 20.65
N VAL B 65 -11.27 -1.89 19.92
CA VAL B 65 -10.03 -2.25 19.24
C VAL B 65 -9.05 -1.10 19.38
N LYS B 66 -7.77 -1.44 19.40
CA LYS B 66 -6.74 -0.43 19.53
C LYS B 66 -5.81 -0.62 18.34
N ILE B 67 -5.62 0.45 17.58
CA ILE B 67 -4.75 0.43 16.41
C ILE B 67 -3.49 1.24 16.76
N GLU B 68 -2.37 0.54 16.97
CA GLU B 68 -1.13 1.21 17.30
C GLU B 68 -0.23 1.31 16.10
N LEU B 69 0.02 2.53 15.65
CA LEU B 69 0.89 2.73 14.49
C LEU B 69 2.33 2.83 15.02
N LYS B 70 3.29 2.45 14.19
CA LYS B 70 4.68 2.56 14.58
C LYS B 70 5.19 3.94 14.19
N PHE B 71 4.70 4.95 14.89
CA PHE B 71 5.07 6.32 14.64
C PHE B 71 6.57 6.50 14.89
N PRO B 72 7.28 7.23 14.01
CA PRO B 72 6.75 7.90 12.82
C PRO B 72 7.09 7.23 11.49
N ASP B 73 7.59 6.00 11.55
CA ASP B 73 7.95 5.27 10.33
C ASP B 73 6.71 4.81 9.59
N GLU B 74 5.65 4.56 10.35
CA GLU B 74 4.40 4.10 9.81
C GLU B 74 3.29 5.14 10.02
N PHE B 75 2.51 5.37 8.96
CA PHE B 75 1.42 6.32 9.04
C PHE B 75 0.30 5.89 8.10
N LEU B 76 -0.91 6.42 8.30
CA LEU B 76 -2.04 6.11 7.46
C LEU B 76 -1.82 6.52 6.02
N GLU B 77 -2.07 5.60 5.10
CA GLU B 77 -1.92 5.83 3.67
C GLU B 77 -3.30 5.91 3.01
N SER B 78 -4.33 5.43 3.71
CA SER B 78 -5.69 5.50 3.19
C SER B 78 -6.74 5.19 4.24
N VAL B 79 -7.90 5.81 4.09
CA VAL B 79 -9.03 5.62 4.98
C VAL B 79 -10.21 5.32 4.07
N SER B 80 -10.98 4.29 4.41
CA SER B 80 -12.13 3.92 3.60
C SER B 80 -13.20 3.34 4.50
N GLY B 81 -14.43 3.30 4.00
CA GLY B 81 -15.50 2.77 4.81
C GLY B 81 -16.86 2.82 4.13
N TYR B 82 -17.91 2.61 4.93
CA TYR B 82 -19.27 2.60 4.43
C TYR B 82 -20.18 3.44 5.28
N THR B 83 -21.06 4.16 4.60
CA THR B 83 -22.08 4.98 5.29
C THR B 83 -23.43 4.59 4.79
N GLY B 84 -24.37 4.58 5.73
CA GLY B 84 -25.72 4.20 5.39
C GLY B 84 -26.58 4.26 6.63
N PRO B 85 -27.90 4.22 6.48
CA PRO B 85 -28.78 4.27 7.65
C PRO B 85 -28.62 2.97 8.45
N PHE B 86 -29.10 2.95 9.68
CA PHE B 86 -28.99 1.75 10.52
C PHE B 86 -30.23 1.73 11.43
N SER B 87 -31.31 1.00 11.52
CA SER B 87 -32.33 0.03 11.24
C SER B 87 -32.48 0.07 12.80
N ALA B 88 -31.47 -0.43 13.51
CA ALA B 88 -31.45 -0.49 14.99
C ALA B 88 -31.57 0.87 15.72
N LEU B 89 -31.39 1.96 14.98
CA LEU B 89 -31.50 3.28 15.58
C LEU B 89 -32.92 3.78 15.38
N ALA B 90 -33.27 4.87 16.07
CA ALA B 90 -34.61 5.46 15.95
C ALA B 90 -34.61 6.55 14.52
N THR B 91 -33.56 7.38 14.34
CA THR B 91 -32.82 7.28 13.63
C THR B 91 -32.77 7.44 12.36
N PRO B 92 -33.24 8.01 11.24
CA PRO B 92 -33.04 7.51 9.87
C PRO B 92 -31.82 8.05 9.11
N THR B 93 -31.10 9.02 9.68
CA THR B 93 -29.95 9.61 9.01
C THR B 93 -28.78 8.64 8.88
N PRO B 94 -27.98 8.76 7.81
CA PRO B 94 -26.82 7.88 7.56
C PRO B 94 -25.79 7.99 8.69
N VAL B 95 -25.08 6.89 8.91
CA VAL B 95 -24.10 6.78 9.97
C VAL B 95 -22.88 6.01 9.44
N VAL B 96 -21.72 6.12 10.08
CA VAL B 96 -20.58 5.37 9.55
C VAL B 96 -20.78 3.92 10.02
N ARG B 97 -21.02 3.05 9.05
CA ARG B 97 -21.26 1.65 9.33
C ARG B 97 -19.96 0.86 9.41
N SER B 98 -18.97 1.27 8.62
CA SER B 98 -17.69 0.56 8.57
C SER B 98 -16.48 1.49 8.32
N LEU B 99 -15.31 1.04 8.76
CA LEU B 99 -14.08 1.79 8.61
C LEU B 99 -12.95 0.81 8.34
N THR B 100 -12.04 1.18 7.45
CA THR B 100 -10.88 0.36 7.13
C THR B 100 -9.68 1.30 7.01
N PHE B 101 -8.55 0.94 7.64
CA PHE B 101 -7.34 1.75 7.62
C PHE B 101 -6.16 0.99 7.01
N LYS B 102 -5.45 1.62 6.07
CA LYS B 102 -4.28 0.99 5.47
C LYS B 102 -3.07 1.87 5.76
N THR B 103 -1.95 1.20 6.01
CA THR B 103 -0.69 1.81 6.39
C THR B 103 0.33 1.83 5.24
N ASN B 104 1.32 2.71 5.33
CA ASN B 104 2.36 2.80 4.30
C ASN B 104 3.27 1.57 4.37
N LYS B 105 3.22 0.88 5.50
CA LYS B 105 4.01 -0.33 5.74
C LYS B 105 3.28 -1.59 5.27
N GLY B 106 2.12 -1.41 4.64
CA GLY B 106 1.37 -2.54 4.13
C GLY B 106 0.40 -3.21 5.09
N ARG B 107 0.23 -2.69 6.29
CA ARG B 107 -0.71 -3.28 7.24
C ARG B 107 -2.12 -2.78 6.97
N THR B 108 -3.10 -3.64 7.16
CA THR B 108 -4.49 -3.27 6.97
C THR B 108 -5.21 -3.53 8.29
N PHE B 109 -5.98 -2.57 8.77
CA PHE B 109 -6.69 -2.79 10.01
C PHE B 109 -8.17 -3.03 9.75
N GLY B 110 -8.54 -4.31 9.84
CA GLY B 110 -9.90 -4.75 9.63
C GLY B 110 -10.38 -4.33 8.26
N PRO B 111 -11.66 -3.98 8.17
CA PRO B 111 -13.07 -3.57 8.05
C PRO B 111 -13.70 -3.87 9.41
N TYR B 112 -14.00 -2.79 10.14
CA TYR B 112 -14.65 -2.90 11.44
C TYR B 112 -16.07 -2.44 11.16
N GLY B 113 -17.04 -3.27 11.51
CA GLY B 113 -18.43 -2.94 11.27
C GLY B 113 -18.99 -3.60 10.02
N ASP B 114 -20.22 -3.24 9.66
CA ASP B 114 -20.89 -3.81 8.49
C ASP B 114 -20.49 -3.06 7.22
N GLU B 115 -19.95 -3.79 6.26
CA GLU B 115 -19.52 -3.22 4.99
C GLU B 115 -20.79 -3.10 4.13
N GLU B 116 -21.71 -2.26 4.59
CA GLU B 116 -23.01 -2.06 3.94
C GLU B 116 -23.37 -0.59 3.70
N GLY B 117 -23.84 -0.28 2.50
CA GLY B 117 -24.22 1.09 2.17
C GLY B 117 -23.41 1.75 1.07
N THR B 118 -23.22 3.07 1.17
CA THR B 118 -22.44 3.78 0.16
C THR B 118 -20.96 3.92 0.62
N TYR B 119 -20.08 3.48 -0.27
CA TYR B 119 -18.64 3.46 -0.08
C TYR B 119 -17.90 4.79 -0.21
N PHE B 120 -16.87 4.99 0.63
CA PHE B 120 -16.04 6.19 0.54
C PHE B 120 -14.61 5.72 0.64
N ASN B 121 -13.72 6.35 -0.11
CA ASN B 121 -12.32 5.93 -0.15
C ASN B 121 -11.38 7.14 -0.32
N LEU B 122 -10.45 7.30 0.62
CA LEU B 122 -9.48 8.39 0.55
C LEU B 122 -8.05 7.86 0.50
N PRO B 123 -7.52 7.62 -0.71
CA PRO B 123 -6.16 7.13 -0.90
C PRO B 123 -5.24 8.36 -0.86
N ILE B 124 -4.16 8.28 -0.09
CA ILE B 124 -3.24 9.40 0.01
C ILE B 124 -1.90 9.09 -0.62
N GLU B 125 -1.57 9.84 -1.66
CA GLU B 125 -0.28 9.65 -2.34
C GLU B 125 0.83 10.45 -1.66
N ASN B 126 0.50 11.64 -1.19
CA ASN B 126 1.48 12.49 -0.53
C ASN B 126 0.74 13.38 0.47
N GLY B 127 1.22 13.36 1.70
CA GLY B 127 0.57 14.14 2.73
C GLY B 127 0.35 13.26 3.94
N LEU B 128 -0.11 13.87 5.03
CA LEU B 128 -0.33 13.15 6.28
C LEU B 128 -1.65 13.54 6.91
N ILE B 129 -2.37 12.56 7.45
CA ILE B 129 -3.60 12.87 8.15
C ILE B 129 -3.02 13.40 9.46
N VAL B 130 -3.51 14.55 9.88
CA VAL B 130 -2.97 15.20 11.04
C VAL B 130 -3.99 15.53 12.15
N GLY B 131 -5.23 15.10 11.92
CA GLY B 131 -6.29 15.36 12.87
C GLY B 131 -7.61 14.85 12.32
N PHE B 132 -8.57 14.59 13.20
CA PHE B 132 -9.87 14.10 12.77
C PHE B 132 -10.96 15.08 13.19
N LYS B 133 -12.05 15.01 12.45
CA LYS B 133 -13.22 15.85 12.62
C LYS B 133 -14.41 14.88 12.41
N GLY B 134 -15.56 15.17 13.00
CA GLY B 134 -16.68 14.27 12.81
C GLY B 134 -17.93 14.58 13.60
N ARG B 135 -18.85 13.64 13.63
CA ARG B 135 -20.09 13.82 14.38
C ARG B 135 -20.41 12.56 15.16
N THR B 136 -20.78 12.75 16.42
CA THR B 136 -21.12 11.64 17.29
C THR B 136 -22.42 11.90 18.05
N GLY B 137 -23.29 10.90 18.03
CA GLY B 137 -24.56 10.97 18.75
C GLY B 137 -24.44 9.76 19.66
N ASP B 138 -25.16 8.69 19.33
CA ASP B 138 -25.05 7.46 20.10
C ASP B 138 -23.92 6.66 19.44
N LEU B 139 -23.73 6.92 18.15
CA LEU B 139 -22.67 6.27 17.37
C LEU B 139 -21.89 7.34 16.59
N LEU B 140 -21.00 6.89 15.71
CA LEU B 140 -20.23 7.80 14.88
C LEU B 140 -21.07 8.13 13.64
N ASP B 141 -21.63 9.33 13.60
CA ASP B 141 -22.46 9.74 12.46
C ASP B 141 -21.63 10.06 11.22
N ALA B 142 -20.54 10.80 11.41
CA ALA B 142 -19.70 11.19 10.29
C ALA B 142 -18.24 11.31 10.71
N ILE B 143 -17.35 11.20 9.73
CA ILE B 143 -15.93 11.29 9.97
C ILE B 143 -15.28 12.16 8.88
N GLY B 144 -14.32 12.97 9.29
CA GLY B 144 -13.62 13.85 8.37
C GLY B 144 -12.14 13.90 8.72
N ILE B 145 -11.32 14.44 7.82
CA ILE B 145 -9.88 14.49 8.04
C ILE B 145 -9.20 15.85 7.82
N HIS B 146 -8.15 16.11 8.61
CA HIS B 146 -7.33 17.32 8.46
C HIS B 146 -6.01 16.78 7.89
N MET B 147 -5.43 17.49 6.90
CA MET B 147 -4.17 17.03 6.30
C MET B 147 -3.08 18.10 6.22
N SER B 148 -1.83 17.66 6.22
CA SER B 148 -0.66 18.53 6.11
C SER B 148 0.49 17.79 5.45
N LEU B 149 1.55 18.54 5.15
CA LEU B 149 2.74 17.97 4.55
C LEU B 149 3.76 17.61 5.65
N AYA C 1 -7.57 31.32 -6.16
CA AYA C 1 -6.25 31.44 -5.56
CB AYA C 1 -5.71 32.84 -5.91
C AYA C 1 -5.13 30.87 -4.71
O AYA C 1 -5.25 30.83 -3.49
CT AYA C 1 -8.30 30.24 -6.08
OT AYA C 1 -7.95 29.22 -6.65
CM AYA C 1 -9.59 30.32 -5.28
N SER C 2 -4.09 29.70 -4.86
CA SER C 2 -3.47 29.26 -3.63
C SER C 2 -2.56 30.39 -3.15
N GLN C 3 -2.13 30.30 -1.91
CA GLN C 3 -1.27 31.31 -1.33
C GLN C 3 0.00 30.67 -0.79
N THR C 4 1.00 31.50 -0.50
CA THR C 4 2.24 30.98 0.05
C THR C 4 2.67 31.90 1.17
N ILE C 5 3.49 31.39 2.07
CA ILE C 5 4.00 32.21 3.15
C ILE C 5 4.87 33.24 2.44
N THR C 6 4.58 34.51 2.70
CA THR C 6 5.33 35.57 2.06
C THR C 6 5.98 36.37 3.15
N VAL C 7 7.28 36.45 3.06
CA VAL C 7 8.05 37.10 4.06
C VAL C 7 8.84 38.26 3.51
N GLY C 8 9.04 39.23 4.37
CA GLY C 8 9.51 40.54 3.76
C GLY C 8 8.68 41.76 3.40
N PRO C 9 8.81 42.64 2.11
CA PRO C 9 9.98 43.23 1.80
C PRO C 9 11.13 43.95 2.53
N TRP C 10 12.37 43.78 2.10
CA TRP C 10 13.49 44.44 2.76
C TRP C 10 13.85 45.52 1.73
N GLY C 11 13.92 46.77 2.18
CA GLY C 11 14.24 47.86 1.27
C GLY C 11 13.27 49.03 1.43
N GLY C 12 13.26 49.92 0.47
CA GLY C 12 12.40 51.10 0.57
C GLY C 12 11.12 51.03 -0.20
N PRO C 13 10.29 52.07 -0.08
CA PRO C 13 8.98 52.19 -0.76
C PRO C 13 9.05 52.75 -2.16
N GLY C 14 10.27 53.06 -2.64
CA GLY C 14 10.42 53.62 -3.98
C GLY C 14 10.13 52.67 -5.12
N GLY C 15 10.19 53.18 -6.34
CA GLY C 15 9.96 52.37 -7.53
C GLY C 15 8.56 51.81 -7.68
N ASN C 16 8.41 50.79 -8.54
CA ASN C 16 7.10 50.17 -8.75
C ASN C 16 7.10 48.74 -8.23
N GLY C 17 6.02 48.38 -7.57
CA GLY C 17 5.91 47.05 -7.02
C GLY C 17 5.64 46.01 -8.07
N TRP C 18 6.24 44.83 -7.88
CA TRP C 18 6.04 43.68 -8.76
C TRP C 18 6.04 42.43 -7.89
N ASP C 19 5.39 41.39 -8.39
CA ASP C 19 5.29 40.10 -7.70
C ASP C 19 5.32 39.05 -8.78
N ASP C 20 6.36 38.23 -8.82
CA ASP C 20 6.40 37.22 -9.85
C ASP C 20 5.50 36.04 -9.58
N GLY C 21 5.04 35.94 -8.33
CA GLY C 21 4.17 34.85 -7.94
C GLY C 21 4.95 33.67 -7.42
N SER C 22 4.30 32.50 -7.39
CA SER C 22 4.92 31.29 -6.89
C SER C 22 5.07 30.20 -7.92
N TYR C 23 6.12 29.42 -7.77
CA TYR C 23 6.42 28.32 -8.69
C TYR C 23 6.84 27.04 -7.95
N THR C 24 7.54 26.14 -8.65
CA THR C 24 7.96 24.90 -8.04
C THR C 24 9.34 24.99 -7.44
N GLY C 25 10.15 25.91 -7.93
CA GLY C 25 11.51 26.04 -7.41
C GLY C 25 12.28 27.07 -8.17
N ILE C 26 13.58 27.17 -7.89
CA ILE C 26 14.41 28.15 -8.57
C ILE C 26 15.57 27.46 -9.29
N ARG C 27 15.74 27.81 -10.55
CA ARG C 27 16.82 27.26 -11.38
C ARG C 27 17.96 28.23 -11.56
N GLN C 28 17.63 29.49 -11.91
CA GLN C 28 18.65 30.49 -12.18
C GLN C 28 18.26 31.91 -11.76
N ILE C 29 19.24 32.66 -11.26
CA ILE C 29 19.02 34.04 -10.85
C ILE C 29 19.97 34.95 -11.62
N GLU C 30 19.40 36.00 -12.22
CA GLU C 30 20.17 36.98 -12.98
C GLU C 30 20.06 38.39 -12.38
N LEU C 31 21.17 38.98 -11.97
CA LEU C 31 21.12 40.32 -11.44
C LEU C 31 22.27 41.19 -11.94
N SER C 32 22.12 42.50 -11.85
CA SER C 32 23.17 43.41 -12.27
C SER C 32 23.51 44.19 -11.04
N TYR C 33 24.77 44.59 -10.91
CA TYR C 33 25.18 45.33 -9.74
C TYR C 33 26.41 46.20 -9.97
N LYS C 34 26.64 47.10 -9.04
CA LYS C 34 27.79 47.98 -9.04
C LYS C 34 27.87 48.43 -7.58
N GLU C 35 27.31 49.59 -7.26
CA GLU C 35 27.32 50.08 -5.88
C GLU C 35 26.00 49.70 -5.21
N ALA C 36 25.04 49.26 -6.03
CA ALA C 36 23.73 48.82 -5.55
C ALA C 36 23.28 47.71 -6.52
N ILE C 37 22.13 47.10 -6.27
CA ILE C 37 21.66 46.08 -7.20
C ILE C 37 20.74 46.76 -8.20
N GLY C 38 20.95 46.43 -9.48
CA GLY C 38 20.14 47.01 -10.52
C GLY C 38 19.08 46.06 -10.99
N SER C 39 19.39 45.26 -12.00
CA SER C 39 18.45 44.30 -12.56
C SER C 39 18.27 43.05 -11.71
N PHE C 40 17.09 42.43 -11.83
CA PHE C 40 16.79 41.23 -11.10
C PHE C 40 15.72 40.43 -11.80
N SER C 41 16.04 39.20 -12.19
CA SER C 41 15.06 38.36 -12.87
C SER C 41 15.46 36.92 -12.60
N VAL C 42 14.50 36.01 -12.67
CA VAL C 42 14.83 34.64 -12.38
C VAL C 42 14.15 33.62 -13.27
N ILE C 43 14.84 32.51 -13.44
CA ILE C 43 14.29 31.41 -14.21
C ILE C 43 13.88 30.39 -13.15
N TYR C 44 12.58 30.22 -13.04
CA TYR C 44 11.98 29.33 -12.08
C TYR C 44 11.83 27.95 -12.67
N ASP C 45 11.47 27.02 -11.79
CA ASP C 45 11.17 25.69 -12.27
C ASP C 45 9.64 25.66 -12.15
N LEU C 46 8.98 25.14 -13.16
CA LEU C 46 7.53 25.03 -13.11
C LEU C 46 7.23 23.58 -13.44
N ASN C 47 7.05 22.78 -12.39
CA ASN C 47 6.74 21.37 -12.54
C ASN C 47 7.72 20.62 -13.44
N GLY C 48 9.02 20.87 -13.26
CA GLY C 48 10.01 20.18 -14.06
C GLY C 48 10.57 20.90 -15.27
N ASP C 49 9.87 21.93 -15.76
CA ASP C 49 10.33 22.69 -16.92
C ASP C 49 10.80 24.10 -16.54
N PRO C 50 11.86 24.60 -17.19
CA PRO C 50 12.33 25.95 -16.89
C PRO C 50 11.22 26.93 -17.27
N PHE C 51 11.10 28.02 -16.51
CA PHE C 51 10.09 29.02 -16.78
C PHE C 51 10.66 30.40 -16.45
N SER C 52 10.72 31.27 -17.45
CA SER C 52 11.25 32.61 -17.28
C SER C 52 10.27 33.52 -16.57
N GLY C 53 10.71 34.09 -15.45
CA GLY C 53 9.86 35.00 -14.72
C GLY C 53 9.97 36.36 -15.38
N PRO C 54 9.09 37.31 -15.05
CA PRO C 54 9.17 38.63 -15.66
C PRO C 54 10.53 39.27 -15.40
N LYS C 55 11.03 40.04 -16.35
CA LYS C 55 12.31 40.72 -16.18
C LYS C 55 12.08 42.03 -15.39
N HIS C 56 12.95 42.32 -14.43
CA HIS C 56 12.86 43.56 -13.66
C HIS C 56 14.21 44.20 -13.90
N THR C 57 14.38 44.60 -15.15
CA THR C 57 15.61 45.17 -15.64
C THR C 57 15.86 46.65 -15.31
N SER C 58 17.13 46.93 -15.02
CA SER C 58 17.60 48.27 -14.70
C SER C 58 18.37 48.79 -15.92
N LYS C 59 18.21 50.07 -16.23
CA LYS C 59 18.91 50.66 -17.37
C LYS C 59 20.36 51.06 -17.05
N LEU C 60 20.69 51.18 -15.77
CA LEU C 60 22.05 51.54 -15.40
C LEU C 60 23.05 50.55 -16.00
N PRO C 61 24.25 51.03 -16.36
CA PRO C 61 25.29 50.20 -16.95
C PRO C 61 26.04 49.43 -15.84
N TYR C 62 25.37 48.42 -15.30
CA TYR C 62 25.94 47.61 -14.22
C TYR C 62 26.48 46.28 -14.75
N LYS C 63 27.31 45.63 -13.93
CA LYS C 63 27.89 44.34 -14.29
C LYS C 63 26.86 43.24 -14.07
N ASN C 64 26.68 42.38 -15.07
CA ASN C 64 25.71 41.30 -14.99
C ASN C 64 26.33 40.01 -14.46
N VAL C 65 25.53 39.23 -13.73
CA VAL C 65 25.98 37.95 -13.20
C VAL C 65 24.86 36.94 -13.35
N LYS C 66 25.24 35.68 -13.54
CA LYS C 66 24.26 34.62 -13.68
C LYS C 66 24.56 33.57 -12.62
N ILE C 67 23.56 33.29 -11.78
CA ILE C 67 23.70 32.30 -10.72
C ILE C 67 22.91 31.06 -11.12
N GLU C 68 23.62 30.00 -11.51
CA GLU C 68 22.96 28.75 -11.92
C GLU C 68 23.00 27.74 -10.78
N LEU C 69 21.82 27.39 -10.29
CA LEU C 69 21.74 26.42 -9.21
C LEU C 69 21.63 25.04 -9.84
N LYS C 70 22.09 24.02 -9.14
CA LYS C 70 21.99 22.67 -9.66
C LYS C 70 20.66 22.08 -9.21
N PHE C 71 19.59 22.61 -9.78
CA PHE C 71 18.25 22.18 -9.48
C PHE C 71 18.09 20.72 -9.88
N PRO C 72 17.46 19.89 -9.02
CA PRO C 72 16.88 20.25 -7.72
C PRO C 72 17.68 19.82 -6.49
N ASP C 73 18.91 19.36 -6.67
CA ASP C 73 19.77 18.92 -5.53
C ASP C 73 20.25 20.11 -4.76
N GLU C 74 20.41 21.24 -5.45
CA GLU C 74 20.90 22.44 -4.80
C GLU C 74 19.82 23.51 -4.81
N PHE C 75 19.66 24.20 -3.69
CA PHE C 75 18.65 25.26 -3.58
C PHE C 75 19.10 26.29 -2.55
N LEU C 76 18.52 27.49 -2.60
CA LEU C 76 18.88 28.54 -1.67
C LEU C 76 18.61 28.14 -0.22
N GLU C 77 19.61 28.35 0.63
CA GLU C 77 19.50 28.05 2.05
C GLU C 77 19.42 29.37 2.84
N SER C 78 19.80 30.47 2.21
CA SER C 78 19.73 31.77 2.86
C SER C 78 19.91 32.93 1.89
N VAL C 79 19.28 34.06 2.22
CA VAL C 79 19.37 35.27 1.42
C VAL C 79 19.73 36.37 2.41
N SER C 80 20.73 37.18 2.11
CA SER C 80 21.11 38.27 2.99
C SER C 80 21.56 39.47 2.16
N GLY C 81 21.63 40.64 2.78
CA GLY C 81 22.05 41.80 2.04
C GLY C 81 22.02 43.06 2.85
N TYR C 82 22.16 44.18 2.15
CA TYR C 82 22.16 45.48 2.79
C TYR C 82 21.22 46.42 2.11
N THR C 83 20.58 47.26 2.91
CA THR C 83 19.64 48.24 2.42
C THR C 83 20.06 49.59 2.98
N GLY C 84 19.98 50.61 2.13
CA GLY C 84 20.36 51.94 2.58
C GLY C 84 20.16 52.93 1.44
N PRO C 85 20.15 54.24 1.74
CA PRO C 85 19.97 55.23 0.68
C PRO C 85 21.18 55.18 -0.24
N PHE C 86 21.04 55.74 -1.43
CA PHE C 86 22.14 55.74 -2.39
C PHE C 86 22.26 57.13 -3.03
N SER C 87 23.32 57.83 -2.61
CA SER C 87 23.73 59.17 -3.00
C SER C 87 23.57 59.50 -4.47
N ALA C 88 24.05 58.59 -5.31
CA ALA C 88 23.99 58.74 -6.76
C ALA C 88 22.58 58.89 -7.32
N LEU C 89 21.57 58.59 -6.52
CA LEU C 89 20.18 58.73 -6.97
C LEU C 89 19.67 60.11 -6.58
N ALA C 90 18.55 60.51 -7.16
CA ALA C 90 17.94 61.80 -6.87
C ALA C 90 17.01 61.59 -5.67
N THR C 91 16.41 60.41 -5.63
CA THR C 91 15.41 60.07 -4.63
C THR C 91 16.28 59.56 -3.36
N PRO C 92 15.77 59.88 -2.15
CA PRO C 92 16.33 59.56 -0.84
C PRO C 92 15.95 58.26 -0.15
N THR C 93 14.98 57.55 -0.72
CA THR C 93 14.52 56.31 -0.12
C THR C 93 15.53 55.17 -0.20
N PRO C 94 15.54 54.29 0.82
CA PRO C 94 16.45 53.14 0.88
C PRO C 94 16.29 52.20 -0.35
N VAL C 95 17.40 51.61 -0.77
CA VAL C 95 17.39 50.72 -1.93
C VAL C 95 18.22 49.50 -1.55
N VAL C 96 18.13 48.40 -2.31
CA VAL C 96 18.94 47.22 -1.96
C VAL C 96 20.33 47.52 -2.49
N ARG C 97 21.27 47.64 -1.56
CA ARG C 97 22.65 47.96 -1.92
C ARG C 97 23.48 46.73 -2.18
N SER C 98 23.13 45.65 -1.50
CA SER C 98 23.88 44.42 -1.62
C SER C 98 23.02 43.17 -1.43
N LEU C 99 23.44 42.07 -2.07
CA LEU C 99 22.77 40.79 -1.99
C LEU C 99 23.82 39.65 -1.89
N THR C 100 23.52 38.65 -1.06
CA THR C 100 24.38 37.49 -0.90
C THR C 100 23.49 36.24 -0.83
N PHE C 101 23.85 35.20 -1.60
CA PHE C 101 23.07 33.96 -1.63
C PHE C 101 23.89 32.76 -1.19
N LYS C 102 23.35 31.95 -0.29
CA LYS C 102 24.06 30.75 0.14
C LYS C 102 23.21 29.53 -0.20
N THR C 103 23.90 28.48 -0.62
CA THR C 103 23.31 27.22 -1.08
C THR C 103 23.39 26.12 -0.04
N ASN C 104 22.51 25.13 -0.14
CA ASN C 104 22.57 23.97 0.78
C ASN C 104 23.82 23.15 0.51
N LYS C 105 24.40 23.32 -0.68
CA LYS C 105 25.62 22.61 -1.08
C LYS C 105 26.87 23.34 -0.63
N GLY C 106 26.70 24.42 0.13
CA GLY C 106 27.85 25.15 0.60
C GLY C 106 28.43 26.24 -0.30
N ARG C 107 27.80 26.51 -1.45
CA ARG C 107 28.30 27.54 -2.33
C ARG C 107 27.75 28.89 -1.88
N THR C 108 28.57 29.93 -2.02
CA THR C 108 28.19 31.28 -1.66
C THR C 108 28.34 32.12 -2.91
N PHE C 109 27.31 32.89 -3.27
CA PHE C 109 27.43 33.73 -4.46
C PHE C 109 27.64 35.19 -4.08
N GLY C 110 28.89 35.62 -4.24
CA GLY C 110 29.28 36.96 -3.91
C GLY C 110 29.01 37.29 -2.48
N PRO C 111 28.63 38.54 -2.23
CA PRO C 111 28.21 39.92 -1.94
C PRO C 111 28.36 40.69 -3.23
N TYR C 112 27.23 41.00 -3.85
CA TYR C 112 27.18 41.79 -5.07
C TYR C 112 26.72 43.17 -4.60
N GLY C 113 27.48 44.20 -4.97
CA GLY C 113 27.14 45.55 -4.56
C GLY C 113 27.90 45.99 -3.31
N ASP C 114 27.53 47.15 -2.77
CA ASP C 114 28.16 47.72 -1.60
C ASP C 114 27.54 47.17 -0.33
N GLU C 115 28.37 46.58 0.52
CA GLU C 115 27.93 46.02 1.78
C GLU C 115 27.84 47.20 2.78
N GLU C 116 26.92 48.12 2.50
CA GLU C 116 26.76 49.34 3.29
C GLU C 116 25.29 49.61 3.67
N GLY C 117 25.05 49.94 4.94
CA GLY C 117 23.69 50.25 5.36
C GLY C 117 23.16 49.34 6.46
N THR C 118 21.86 49.07 6.43
CA THR C 118 21.28 48.20 7.42
C THR C 118 21.13 46.79 6.84
N TYR C 119 21.65 45.83 7.59
CA TYR C 119 21.70 44.42 7.24
C TYR C 119 20.38 43.67 7.40
N PHE C 120 20.15 42.70 6.51
CA PHE C 120 18.99 41.81 6.61
C PHE C 120 19.51 40.38 6.32
N ASN C 121 18.95 39.40 6.99
CA ASN C 121 19.41 38.03 6.88
C ASN C 121 18.27 37.03 7.06
N LEU C 122 18.05 36.19 6.04
CA LEU C 122 17.00 35.17 6.10
C LEU C 122 17.57 33.77 5.97
N PRO C 123 17.93 33.14 7.10
CA PRO C 123 18.47 31.79 7.11
C PRO C 123 17.28 30.82 7.08
N ILE C 124 17.32 29.83 6.18
CA ILE C 124 16.23 28.87 6.08
C ILE C 124 16.62 27.47 6.56
N GLU C 125 15.97 27.01 7.62
CA GLU C 125 16.27 25.70 8.16
C GLU C 125 15.44 24.64 7.44
N ASN C 126 14.19 24.96 7.12
CA ASN C 126 13.31 24.03 6.43
C ASN C 126 12.33 24.82 5.56
N GLY C 127 12.21 24.42 4.30
CA GLY C 127 11.33 25.13 3.39
C GLY C 127 12.11 25.53 2.15
N LEU C 128 11.41 26.06 1.18
CA LEU C 128 12.02 26.45 -0.07
C LEU C 128 11.54 27.82 -0.55
N ILE C 129 12.46 28.65 -1.07
CA ILE C 129 12.07 29.93 -1.66
C ILE C 129 11.45 29.49 -2.97
N VAL C 130 10.25 29.95 -3.25
CA VAL C 130 9.50 29.49 -4.40
C VAL C 130 9.01 30.60 -5.33
N GLY C 131 9.45 31.82 -5.04
CA GLY C 131 9.07 32.98 -5.85
C GLY C 131 9.63 34.25 -5.23
N PHE C 132 9.77 35.30 -6.04
CA PHE C 132 10.28 36.56 -5.52
C PHE C 132 9.26 37.65 -5.72
N LYS C 133 9.37 38.66 -4.88
CA LYS C 133 8.48 39.82 -4.87
C LYS C 133 9.41 41.01 -4.64
N GLY C 134 9.05 42.21 -5.08
CA GLY C 134 9.93 43.33 -4.84
C GLY C 134 9.50 44.64 -5.47
N ARG C 135 10.42 45.60 -5.50
CA ARG C 135 10.13 46.89 -6.10
C ARG C 135 11.32 47.32 -6.95
N THR C 136 11.02 47.82 -8.14
CA THR C 136 12.04 48.29 -9.05
C THR C 136 11.68 49.64 -9.67
N GLY C 137 12.64 50.56 -9.63
CA GLY C 137 12.47 51.87 -10.24
C GLY C 137 13.61 51.88 -11.24
N ASP C 138 14.66 52.64 -10.94
CA ASP C 138 15.84 52.64 -11.79
C ASP C 138 16.73 51.49 -11.32
N LEU C 139 16.58 51.13 -10.05
CA LEU C 139 17.35 50.04 -9.41
C LEU C 139 16.35 49.15 -8.63
N LEU C 140 16.90 48.19 -7.89
CA LEU C 140 16.08 47.31 -7.06
C LEU C 140 15.85 48.02 -5.73
N ASP C 141 14.62 48.49 -5.51
CA ASP C 141 14.31 49.20 -4.27
C ASP C 141 14.08 48.26 -3.10
N ALA C 142 13.40 47.14 -3.36
CA ALA C 142 13.12 46.19 -2.30
C ALA C 142 13.00 44.78 -2.85
N ILE C 143 13.17 43.81 -1.97
CA ILE C 143 13.12 42.42 -2.37
C ILE C 143 12.39 41.63 -1.29
N GLY C 144 11.56 40.69 -1.72
CA GLY C 144 10.80 39.86 -0.79
C GLY C 144 10.73 38.43 -1.27
N ILE C 145 10.28 37.53 -0.41
CA ILE C 145 10.24 36.11 -0.77
C ILE C 145 8.93 35.35 -0.50
N HIS C 146 8.62 34.37 -1.35
CA HIS C 146 7.47 33.49 -1.19
C HIS C 146 8.09 32.12 -0.83
N MET C 147 7.51 31.42 0.15
CA MET C 147 8.05 30.13 0.59
C MET C 147 7.01 29.02 0.68
N SER C 148 7.49 27.79 0.49
CA SER C 148 6.66 26.58 0.57
C SER C 148 7.47 25.40 1.04
N LEU C 149 6.78 24.28 1.28
CA LEU C 149 7.45 23.06 1.70
C LEU C 149 7.76 22.18 0.49
N AYA D 1 5.55 12.32 11.39
CA AYA D 1 5.78 13.75 11.29
CB AYA D 1 6.94 14.10 12.22
C AYA D 1 5.29 14.93 10.45
O AYA D 1 5.71 15.09 9.33
CT AYA D 1 4.60 11.69 10.73
OT AYA D 1 3.43 11.86 11.00
CM AYA D 1 5.04 10.72 9.61
N SER D 2 4.17 16.02 10.85
CA SER D 2 4.12 17.05 9.83
C SER D 2 5.29 18.00 10.06
N GLN D 3 5.56 18.86 9.07
CA GLN D 3 6.66 19.82 9.16
C GLN D 3 6.15 21.23 8.90
N THR D 4 6.95 22.23 9.22
CA THR D 4 6.55 23.61 9.00
C THR D 4 7.73 24.37 8.42
N ILE D 5 7.45 25.46 7.71
CA ILE D 5 8.53 26.27 7.18
C ILE D 5 9.25 26.80 8.43
N THR D 6 10.55 26.54 8.51
CA THR D 6 11.30 26.99 9.66
C THR D 6 12.36 27.95 9.18
N VAL D 7 12.30 29.16 9.71
CA VAL D 7 13.18 30.12 9.27
C VAL D 7 14.05 30.70 10.39
N GLY D 8 15.24 31.09 10.00
CA GLY D 8 16.30 31.50 10.99
C GLY D 8 17.18 30.40 11.48
N PRO D 9 18.11 30.13 12.76
CA PRO D 9 18.25 30.96 13.95
C PRO D 9 19.05 32.23 13.78
N TRP D 10 18.68 33.27 14.53
CA TRP D 10 19.44 34.52 14.52
C TRP D 10 20.11 34.46 15.89
N GLY D 11 21.42 34.64 15.90
CA GLY D 11 22.14 34.56 17.16
C GLY D 11 23.37 33.67 17.03
N GLY D 12 23.92 33.28 18.18
CA GLY D 12 25.14 32.48 18.17
C GLY D 12 24.93 31.01 18.40
N PRO D 13 26.01 30.20 18.35
CA PRO D 13 25.98 28.75 18.54
C PRO D 13 26.09 28.33 20.00
N GLY D 14 26.14 29.28 20.92
CA GLY D 14 26.26 28.96 22.32
C GLY D 14 25.03 28.34 22.94
N GLY D 15 25.12 27.97 24.22
CA GLY D 15 23.99 27.39 24.93
C GLY D 15 23.51 26.04 24.42
N ASN D 16 22.31 25.65 24.85
CA ASN D 16 21.73 24.38 24.42
C ASN D 16 20.53 24.60 23.51
N GLY D 17 20.49 23.84 22.44
CA GLY D 17 19.39 23.98 21.49
C GLY D 17 18.08 23.43 22.01
N TRP D 18 16.99 24.14 21.67
CA TRP D 18 15.66 23.70 22.03
C TRP D 18 14.73 24.04 20.89
N ASP D 19 13.63 23.29 20.80
CA ASP D 19 12.63 23.49 19.75
C ASP D 19 11.29 23.20 20.40
N ASP D 20 10.44 24.20 20.53
CA ASP D 20 9.15 23.94 21.16
C ASP D 20 8.19 23.23 20.22
N GLY D 21 8.50 23.22 18.93
CA GLY D 21 7.62 22.57 17.97
C GLY D 21 6.60 23.55 17.41
N SER D 22 5.57 22.99 16.78
CA SER D 22 4.52 23.78 16.16
C SER D 22 3.16 23.64 16.79
N TYR D 23 2.40 24.73 16.74
CA TYR D 23 1.07 24.75 17.31
C TYR D 23 0.04 25.43 16.41
N THR D 24 -1.05 25.91 16.99
CA THR D 24 -2.09 26.56 16.18
C THR D 24 -1.92 28.07 16.16
N GLY D 25 -1.22 28.63 17.15
CA GLY D 25 -1.02 30.06 17.16
C GLY D 25 -0.33 30.50 18.44
N ILE D 26 -0.26 31.81 18.67
CA ILE D 26 0.42 32.33 19.85
C ILE D 26 -0.50 33.18 20.70
N ARG D 27 -0.55 32.89 21.98
CA ARG D 27 -1.41 33.65 22.88
C ARG D 27 -0.63 34.62 23.75
N GLN D 28 0.48 34.15 24.31
CA GLN D 28 1.25 34.99 25.22
C GLN D 28 2.75 34.69 25.16
N ILE D 29 3.55 35.73 25.27
CA ILE D 29 5.00 35.59 25.25
C ILE D 29 5.58 36.19 26.52
N GLU D 30 6.43 35.44 27.20
CA GLU D 30 7.08 35.89 28.43
C GLU D 30 8.58 35.89 28.28
N LEU D 31 9.21 37.04 28.51
CA LEU D 31 10.66 37.11 28.42
C LEU D 31 11.23 37.98 29.52
N SER D 32 12.53 37.82 29.79
CA SER D 32 13.18 38.62 30.80
C SER D 32 14.30 39.34 30.06
N TYR D 33 14.62 40.55 30.48
CA TYR D 33 15.66 41.29 29.81
C TYR D 33 16.32 42.32 30.71
N LYS D 34 17.46 42.81 30.23
CA LYS D 34 18.23 43.84 30.88
C LYS D 34 19.10 44.39 29.75
N GLU D 35 20.34 43.92 29.66
CA GLU D 35 21.24 44.36 28.58
C GLU D 35 21.16 43.38 27.42
N ALA D 36 20.55 42.22 27.68
CA ALA D 36 20.35 41.16 26.70
C ALA D 36 19.03 40.47 27.06
N ILE D 37 18.59 39.49 26.26
CA ILE D 37 17.36 38.79 26.60
C ILE D 37 17.74 37.54 27.40
N GLY D 38 17.05 37.36 28.53
CA GLY D 38 17.32 36.21 29.38
C GLY D 38 16.35 35.08 29.15
N SER D 39 15.26 35.11 29.88
CA SER D 39 14.24 34.07 29.77
C SER D 39 13.33 34.23 28.57
N PHE D 40 12.79 33.12 28.10
CA PHE D 40 11.88 33.13 26.96
C PHE D 40 11.00 31.89 27.00
N SER D 41 9.70 32.11 27.06
CA SER D 41 8.75 31.01 27.08
C SER D 41 7.44 31.55 26.52
N VAL D 42 6.63 30.67 25.96
CA VAL D 42 5.40 31.15 25.39
C VAL D 42 4.21 30.26 25.66
N ILE D 43 3.04 30.88 25.67
CA ILE D 43 1.80 30.14 25.84
C ILE D 43 1.18 30.17 24.46
N TYR D 44 1.14 28.99 23.87
CA TYR D 44 0.63 28.80 22.52
C TYR D 44 -0.84 28.50 22.56
N ASP D 45 -1.45 28.54 21.38
CA ASP D 45 -2.83 28.12 21.27
C ASP D 45 -2.70 26.73 20.65
N LEU D 46 -3.46 25.77 21.16
CA LEU D 46 -3.46 24.45 20.59
C LEU D 46 -4.92 24.11 20.34
N ASN D 47 -5.35 24.34 19.10
CA ASN D 47 -6.73 24.07 18.71
C ASN D 47 -7.79 24.73 19.60
N GLY D 48 -7.58 26.00 19.97
CA GLY D 48 -8.55 26.70 20.79
C GLY D 48 -8.26 26.78 22.28
N ASP D 49 -7.38 25.93 22.80
CA ASP D 49 -7.06 25.94 24.23
C ASP D 49 -5.63 26.42 24.47
N PRO D 50 -5.42 27.16 25.57
CA PRO D 50 -4.06 27.65 25.87
C PRO D 50 -3.20 26.43 26.15
N PHE D 51 -1.93 26.51 25.78
CA PHE D 51 -1.00 25.43 25.99
C PHE D 51 0.37 26.01 26.32
N SER D 52 0.89 25.66 27.50
CA SER D 52 2.19 26.14 27.96
C SER D 52 3.35 25.45 27.28
N GLY D 53 4.18 26.20 26.57
CA GLY D 53 5.32 25.61 25.93
C GLY D 53 6.41 25.45 26.98
N PRO D 54 7.46 24.68 26.69
CA PRO D 54 8.52 24.49 27.68
C PRO D 54 9.13 25.85 28.07
N LYS D 55 9.53 25.99 29.32
CA LYS D 55 10.15 27.22 29.81
C LYS D 55 11.66 27.21 29.47
N HIS D 56 12.16 28.33 28.96
CA HIS D 56 13.58 28.47 28.63
C HIS D 56 14.03 29.65 29.50
N THR D 57 14.02 29.36 30.79
CA THR D 57 14.35 30.28 31.83
C THR D 57 15.80 30.59 32.07
N SER D 58 16.09 31.85 32.32
CA SER D 58 17.43 32.34 32.61
C SER D 58 17.52 32.63 34.12
N LYS D 59 18.66 32.32 34.72
CA LYS D 59 18.83 32.57 36.15
C LYS D 59 19.20 34.03 36.48
N LEU D 60 19.67 34.78 35.48
CA LEU D 60 20.03 36.18 35.70
C LEU D 60 18.85 36.96 36.27
N PRO D 61 19.12 37.92 37.16
CA PRO D 61 18.05 38.73 37.78
C PRO D 61 17.62 39.83 36.82
N TYR D 62 16.87 39.45 35.80
CA TYR D 62 16.40 40.38 34.79
C TYR D 62 14.95 40.78 35.02
N LYS D 63 14.53 41.84 34.35
CA LYS D 63 13.16 42.33 34.46
C LYS D 63 12.26 41.48 33.58
N ASN D 64 11.14 41.02 34.15
CA ASN D 64 10.20 40.20 33.41
C ASN D 64 9.09 41.01 32.75
N VAL D 65 8.63 40.55 31.58
CA VAL D 65 7.54 41.20 30.87
C VAL D 65 6.61 40.13 30.32
N LYS D 66 5.33 40.46 30.21
CA LYS D 66 4.35 39.55 29.70
C LYS D 66 3.67 40.23 28.52
N ILE D 67 3.72 39.60 27.36
CA ILE D 67 3.10 40.13 26.16
C ILE D 67 1.86 39.29 25.87
N GLU D 68 0.69 39.86 26.11
CA GLU D 68 -0.56 39.15 25.87
C GLU D 68 -1.17 39.62 24.55
N LEU D 69 -1.29 38.70 23.59
CA LEU D 69 -1.88 39.04 22.31
C LEU D 69 -3.38 38.77 22.41
N LYS D 70 -4.16 39.50 21.64
CA LYS D 70 -5.59 39.30 21.65
C LYS D 70 -5.94 38.23 20.62
N PHE D 71 -5.52 37.01 20.91
CA PHE D 71 -5.77 35.88 20.04
C PHE D 71 -7.28 35.67 19.90
N PRO D 72 -7.77 35.40 18.67
CA PRO D 72 -6.98 35.27 17.44
C PRO D 72 -7.06 36.46 16.47
N ASP D 73 -7.63 37.56 16.92
CA ASP D 73 -7.74 38.75 16.09
C ASP D 73 -6.44 39.45 15.89
N GLU D 74 -5.58 39.31 16.89
CA GLU D 74 -4.26 39.93 16.87
C GLU D 74 -3.16 38.85 16.86
N PHE D 75 -2.16 39.04 16.01
CA PHE D 75 -1.07 38.08 15.89
C PHE D 75 0.18 38.82 15.47
N LEU D 76 1.34 38.21 15.65
CA LEU D 76 2.61 38.80 15.28
C LEU D 76 2.71 39.07 13.78
N GLU D 77 3.12 40.29 13.44
CA GLU D 77 3.29 40.69 12.05
C GLU D 77 4.78 40.83 11.72
N SER D 78 5.60 40.94 12.76
CA SER D 78 7.03 41.03 12.54
C SER D 78 7.81 40.85 13.83
N VAL D 79 9.01 40.29 13.70
CA VAL D 79 9.92 40.04 14.81
C VAL D 79 11.22 40.66 14.36
N SER D 80 11.86 41.43 15.24
CA SER D 80 13.14 42.06 14.92
C SER D 80 13.99 42.17 16.20
N GLY D 81 15.28 42.37 16.04
CA GLY D 81 16.12 42.46 17.21
C GLY D 81 17.57 42.65 16.84
N TYR D 82 18.42 42.50 17.86
CA TYR D 82 19.85 42.64 17.70
C TYR D 82 20.61 41.49 18.30
N THR D 83 21.67 41.10 17.61
CA THR D 83 22.54 40.03 17.98
C THR D 83 23.96 40.54 18.10
N GLY D 84 24.69 40.15 19.14
CA GLY D 84 26.06 40.60 19.29
C GLY D 84 26.65 39.99 20.53
N PRO D 85 27.98 40.01 20.68
CA PRO D 85 28.59 39.44 21.88
C PRO D 85 28.21 40.26 23.09
N PHE D 86 28.38 39.70 24.27
CA PHE D 86 28.02 40.40 25.49
C PHE D 86 29.12 40.24 26.54
N SER D 87 29.86 41.34 26.71
CA SER D 87 31.00 41.54 27.61
C SER D 87 30.85 40.84 28.96
N ALA D 88 29.74 41.11 29.62
CA ALA D 88 29.43 40.57 30.93
C ALA D 88 29.49 39.03 31.02
N LEU D 89 29.50 38.36 29.88
CA LEU D 89 29.53 36.83 29.86
C LEU D 89 30.75 35.95 29.65
N ALA D 90 31.92 36.57 29.58
CA ALA D 90 32.80 35.50 28.57
C ALA D 90 32.85 34.29 27.61
N THR D 91 31.87 34.04 26.76
CA THR D 91 31.47 33.92 25.80
C THR D 91 32.35 35.02 25.05
N PRO D 92 32.67 34.65 23.82
CA PRO D 92 32.20 35.03 22.48
C PRO D 92 31.57 35.57 21.61
N THR D 93 31.00 34.38 21.74
CA THR D 93 29.74 34.05 21.07
C THR D 93 28.58 34.99 21.12
N PRO D 94 28.02 35.35 19.95
CA PRO D 94 26.89 36.28 19.85
C PRO D 94 25.66 35.76 20.60
N VAL D 95 24.87 36.68 21.12
CA VAL D 95 23.67 36.36 21.88
C VAL D 95 22.55 37.33 21.48
N VAL D 96 21.30 37.02 21.77
CA VAL D 96 20.24 37.94 21.38
C VAL D 96 20.25 39.08 22.41
N ARG D 97 20.66 40.26 21.94
CA ARG D 97 20.76 41.42 22.82
C ARG D 97 19.45 42.15 22.95
N SER D 98 18.65 42.11 21.88
CA SER D 98 17.37 42.81 21.88
C SER D 98 16.29 42.12 21.03
N LEU D 99 15.03 42.38 21.39
CA LEU D 99 13.88 41.81 20.68
C LEU D 99 12.77 42.87 20.61
N THR D 100 12.07 42.92 19.49
CA THR D 100 10.96 43.86 19.28
C THR D 100 9.86 43.10 18.52
N PHE D 101 8.62 43.20 18.98
CA PHE D 101 7.50 42.51 18.36
C PHE D 101 6.43 43.49 17.88
N LYS D 102 5.97 43.34 16.63
CA LYS D 102 4.91 44.20 16.11
C LYS D 102 3.70 43.32 15.77
N THR D 103 2.54 43.86 16.05
CA THR D 103 1.27 43.19 15.87
C THR D 103 0.50 43.70 14.63
N ASN D 104 -0.41 42.90 14.10
CA ASN D 104 -1.22 43.31 12.96
C ASN D 104 -2.19 44.43 13.36
N LYS D 105 -2.42 44.57 14.67
CA LYS D 105 -3.31 45.60 15.18
C LYS D 105 -2.55 46.90 15.42
N GLY D 106 -1.28 46.95 15.04
CA GLY D 106 -0.49 48.15 15.22
C GLY D 106 0.24 48.33 16.56
N ARG D 107 0.15 47.35 17.45
CA ARG D 107 0.83 47.47 18.74
C ARG D 107 2.28 47.05 18.59
N THR D 108 3.18 47.75 19.29
CA THR D 108 4.59 47.43 19.27
C THR D 108 5.00 47.11 20.72
N PHE D 109 5.69 46.01 20.92
CA PHE D 109 6.12 45.67 22.26
C PHE D 109 7.62 45.91 22.43
N GLY D 110 7.94 46.98 23.14
CA GLY D 110 9.32 47.32 23.40
C GLY D 110 10.00 47.66 22.11
N PRO D 111 11.31 47.42 21.96
CA PRO D 111 12.69 47.01 22.21
C PRO D 111 13.00 46.67 23.65
N TYR D 112 13.23 45.38 23.91
CA TYR D 112 13.59 44.90 25.23
C TYR D 112 15.07 44.57 25.06
N GLY D 113 15.90 45.11 25.95
CA GLY D 113 17.33 44.86 25.86
C GLY D 113 18.09 45.97 25.16
N ASP D 114 19.38 45.75 24.95
CA ASP D 114 20.24 46.72 24.29
C ASP D 114 20.17 46.60 22.79
N GLU D 115 19.81 47.68 22.14
CA GLU D 115 19.69 47.72 20.69
C GLU D 115 21.11 47.93 20.14
N GLU D 116 21.96 46.92 20.36
CA GLU D 116 23.36 46.98 19.97
C GLU D 116 23.84 45.72 19.23
N GLY D 117 24.60 45.91 18.14
CA GLY D 117 25.11 44.78 17.39
C GLY D 117 24.58 44.68 15.97
N THR D 118 24.44 43.46 15.46
CA THR D 118 23.92 43.28 14.12
C THR D 118 22.39 43.02 14.17
N TYR D 119 21.67 43.80 13.37
CA TYR D 119 20.22 43.78 13.24
C TYR D 119 19.61 42.65 12.43
N PHE D 120 18.45 42.17 12.84
CA PHE D 120 17.72 41.14 12.10
C PHE D 120 16.27 41.60 12.08
N ASN D 121 15.59 41.32 10.98
CA ASN D 121 14.23 41.78 10.81
C ASN D 121 13.40 40.79 9.99
N LEU D 122 12.30 40.30 10.55
CA LEU D 122 11.44 39.37 9.82
C LEU D 122 10.02 39.92 9.69
N PRO D 123 9.75 40.65 8.58
CA PRO D 123 8.42 41.23 8.33
C PRO D 123 7.58 40.16 7.66
N ILE D 124 6.38 39.91 8.19
CA ILE D 124 5.51 38.89 7.60
C ILE D 124 4.32 39.48 6.87
N GLU D 125 4.24 39.25 5.57
CA GLU D 125 3.13 39.75 4.77
C GLU D 125 1.96 38.78 4.79
N ASN D 126 2.26 37.50 4.76
CA ASN D 126 1.22 36.49 4.80
C ASN D 126 1.76 35.25 5.50
N GLY D 127 1.03 34.76 6.50
CA GLY D 127 1.49 33.60 7.24
C GLY D 127 1.46 33.90 8.72
N LEU D 128 1.68 32.88 9.52
CA LEU D 128 1.63 33.03 10.96
C LEU D 128 2.80 32.35 11.62
N ILE D 129 3.33 32.96 12.67
CA ILE D 129 4.40 32.34 13.44
C ILE D 129 3.62 31.33 14.26
N VAL D 130 4.06 30.08 14.23
CA VAL D 130 3.31 29.04 14.88
C VAL D 130 4.10 28.23 15.92
N GLY D 131 5.31 28.69 16.19
CA GLY D 131 6.17 28.03 17.16
C GLY D 131 7.55 28.68 17.18
N PHE D 132 8.29 28.49 18.27
CA PHE D 132 9.62 29.07 18.37
C PHE D 132 10.66 27.99 18.57
N LYS D 133 11.87 28.32 18.16
CA LYS D 133 13.02 27.44 18.21
C LYS D 133 14.15 28.36 18.67
N GLY D 134 15.18 27.80 19.31
CA GLY D 134 16.26 28.65 19.76
C GLY D 134 17.34 27.98 20.59
N ARG D 135 18.18 28.78 21.21
CA ARG D 135 19.25 28.27 22.03
C ARG D 135 19.31 29.09 23.31
N THR D 136 19.46 28.39 24.43
CA THR D 136 19.54 29.02 25.74
C THR D 136 20.65 28.41 26.59
N GLY D 137 21.48 29.28 27.17
CA GLY D 137 22.56 28.87 28.05
C GLY D 137 22.20 29.59 29.33
N ASP D 138 22.89 30.69 29.62
CA ASP D 138 22.58 31.50 30.79
C ASP D 138 21.56 32.54 30.32
N LEU D 139 21.62 32.85 29.01
CA LEU D 139 20.73 33.79 28.38
C LEU D 139 20.21 33.18 27.07
N LEU D 140 19.48 33.98 26.29
CA LEU D 140 18.95 33.54 25.01
C LEU D 140 20.07 33.73 23.96
N ASP D 141 20.69 32.65 23.54
CA ASP D 141 21.75 32.75 22.54
C ASP D 141 21.21 32.97 21.12
N ALA D 142 20.13 32.28 20.77
CA ALA D 142 19.56 32.40 19.45
C ALA D 142 18.06 32.18 19.45
N ILE D 143 17.39 32.68 18.40
CA ILE D 143 15.96 32.55 18.31
C ILE D 143 15.58 32.24 16.88
N GLY D 144 14.61 31.36 16.70
CA GLY D 144 14.16 30.98 15.37
C GLY D 144 12.65 30.83 15.34
N ILE D 145 12.09 30.73 14.15
CA ILE D 145 10.64 30.65 14.00
C ILE D 145 10.08 29.55 13.09
N HIS D 146 8.94 29.00 13.49
CA HIS D 146 8.20 28.02 12.67
C HIS D 146 6.99 28.79 12.10
N MET D 147 6.65 28.58 10.83
CA MET D 147 5.54 29.32 10.21
C MET D 147 4.58 28.42 9.42
N SER D 148 3.33 28.86 9.35
CA SER D 148 2.25 28.16 8.64
C SER D 148 1.23 29.13 8.11
N LEU D 149 0.29 28.63 7.31
CA LEU D 149 -0.77 29.46 6.78
C LEU D 149 -1.99 29.38 7.69
N AYA E 1 2.63 -24.03 10.99
CA AYA E 1 1.65 -24.63 10.11
CB AYA E 1 0.61 -25.36 10.98
C AYA E 1 1.23 -24.74 8.63
O AYA E 1 0.50 -23.90 8.14
CT AYA E 1 3.69 -23.33 10.55
OT AYA E 1 4.60 -23.90 9.96
CM AYA E 1 3.72 -21.84 10.84
N SER E 2 1.66 -25.68 7.48
CA SER E 2 1.01 -25.38 6.20
C SER E 2 -0.44 -25.85 6.29
N GLN E 3 -1.25 -25.39 5.35
CA GLN E 3 -2.66 -25.72 5.33
C GLN E 3 -3.04 -26.32 3.97
N THR E 4 -4.21 -26.93 3.89
CA THR E 4 -4.65 -27.51 2.64
C THR E 4 -6.12 -27.14 2.47
N ILE E 5 -6.60 -27.16 1.24
CA ILE E 5 -8.00 -26.89 1.00
C ILE E 5 -8.72 -28.06 1.64
N THR E 6 -9.64 -27.76 2.55
CA THR E 6 -10.36 -28.80 3.23
C THR E 6 -11.79 -28.64 2.88
N VAL E 7 -12.35 -29.70 2.35
CA VAL E 7 -13.71 -29.65 1.91
C VAL E 7 -14.58 -30.67 2.58
N GLY E 8 -15.83 -30.30 2.73
CA GLY E 8 -16.75 -31.22 3.31
C GLY E 8 -16.48 -30.97 4.77
N PRO E 9 -17.42 -31.65 5.81
CA PRO E 9 -18.06 -32.79 6.38
C PRO E 9 -19.13 -33.31 5.93
N TRP E 10 -19.28 -34.55 5.46
CA TRP E 10 -20.60 -35.02 5.02
C TRP E 10 -20.94 -36.01 6.11
N GLY E 11 -22.12 -35.85 6.68
CA GLY E 11 -22.54 -36.72 7.77
C GLY E 11 -23.08 -35.93 8.94
N GLY E 12 -23.17 -36.57 10.11
CA GLY E 12 -23.73 -35.90 11.26
C GLY E 12 -22.72 -35.42 12.28
N PRO E 13 -23.17 -34.75 13.35
CA PRO E 13 -22.33 -34.20 14.42
C PRO E 13 -21.99 -35.20 15.53
N GLY E 14 -22.47 -36.43 15.38
CA GLY E 14 -22.21 -37.45 16.40
C GLY E 14 -20.77 -37.92 16.49
N GLY E 15 -20.50 -38.76 17.48
CA GLY E 15 -19.14 -39.30 17.64
C GLY E 15 -18.06 -38.30 18.01
N ASN E 16 -16.79 -38.70 17.87
CA ASN E 16 -15.69 -37.82 18.20
C ASN E 16 -14.94 -37.41 16.94
N GLY E 17 -14.60 -36.12 16.86
CA GLY E 17 -13.90 -35.62 15.70
C GLY E 17 -12.45 -36.04 15.65
N TRP E 18 -11.99 -36.32 14.44
CA TRP E 18 -10.59 -36.67 14.22
C TRP E 18 -10.15 -36.05 12.89
N ASP E 19 -8.86 -35.81 12.76
CA ASP E 19 -8.28 -35.24 11.54
C ASP E 19 -6.93 -35.92 11.40
N ASP E 20 -6.74 -36.67 10.33
CA ASP E 20 -5.46 -37.34 10.18
C ASP E 20 -4.38 -36.41 9.68
N GLY E 21 -4.78 -35.27 9.15
CA GLY E 21 -3.82 -34.31 8.66
C GLY E 21 -3.59 -34.50 7.16
N SER E 22 -2.49 -33.92 6.67
CA SER E 22 -2.18 -34.02 5.25
C SER E 22 -0.90 -34.77 4.98
N TYR E 23 -0.86 -35.42 3.82
CA TYR E 23 0.32 -36.19 3.41
C TYR E 23 0.66 -35.97 1.94
N THR E 24 1.38 -36.91 1.35
CA THR E 24 1.79 -36.78 -0.05
C THR E 24 0.81 -37.45 -0.99
N GLY E 25 0.07 -38.43 -0.47
CA GLY E 25 -0.89 -39.12 -1.31
C GLY E 25 -1.54 -40.29 -0.58
N ILE E 26 -2.30 -41.08 -1.31
CA ILE E 26 -2.98 -42.22 -0.69
C ILE E 26 -2.57 -43.55 -1.33
N ARG E 27 -2.19 -44.51 -0.48
CA ARG E 27 -1.78 -45.81 -0.95
C ARG E 27 -2.85 -46.87 -0.75
N GLN E 28 -3.40 -46.90 0.46
CA GLN E 28 -4.41 -47.90 0.78
C GLN E 28 -5.50 -47.39 1.73
N ILE E 29 -6.74 -47.84 1.49
CA ILE E 29 -7.87 -47.47 2.33
C ILE E 29 -8.50 -48.75 2.92
N GLU E 30 -8.69 -48.75 4.23
CA GLU E 30 -9.30 -49.87 4.93
C GLU E 30 -10.59 -49.47 5.64
N LEU E 31 -11.71 -50.08 5.29
CA LEU E 31 -12.97 -49.76 5.95
C LEU E 31 -13.78 -51.01 6.24
N SER E 32 -14.71 -50.90 7.18
CA SER E 32 -15.58 -52.02 7.52
C SER E 32 -16.99 -51.53 7.24
N TYR E 33 -17.86 -52.44 6.82
CA TYR E 33 -19.22 -52.03 6.50
C TYR E 33 -20.21 -53.17 6.63
N LYS E 34 -21.49 -52.78 6.62
CA LYS E 34 -22.61 -53.68 6.69
C LYS E 34 -23.77 -52.83 6.18
N GLU E 35 -24.55 -52.26 7.09
CA GLU E 35 -25.68 -51.41 6.70
C GLU E 35 -25.22 -49.95 6.71
N ALA E 36 -24.04 -49.71 7.31
CA ALA E 36 -23.42 -48.40 7.41
C ALA E 36 -21.91 -48.62 7.39
N ILE E 37 -21.11 -47.55 7.38
CA ILE E 37 -19.68 -47.73 7.41
C ILE E 37 -19.21 -47.73 8.86
N GLY E 38 -18.40 -48.71 9.20
CA GLY E 38 -17.89 -48.83 10.55
C GLY E 38 -16.49 -48.24 10.68
N SER E 39 -15.50 -49.09 10.49
CA SER E 39 -14.10 -48.68 10.59
C SER E 39 -13.59 -47.93 9.37
N PHE E 40 -12.60 -47.07 9.60
CA PHE E 40 -11.99 -46.29 8.52
C PHE E 40 -10.57 -45.89 8.90
N SER E 41 -9.61 -46.34 8.11
CA SER E 41 -8.23 -45.97 8.35
C SER E 41 -7.52 -46.03 7.01
N VAL E 42 -6.42 -45.30 6.88
CA VAL E 42 -5.73 -45.31 5.61
C VAL E 42 -4.23 -45.31 5.73
N ILE E 43 -3.60 -45.86 4.71
CA ILE E 43 -2.15 -45.90 4.65
C ILE E 43 -1.84 -44.88 3.58
N TYR E 44 -1.23 -43.79 4.06
CA TYR E 44 -0.87 -42.66 3.21
C TYR E 44 0.52 -42.84 2.68
N ASP E 45 0.85 -41.99 1.72
CA ASP E 45 2.21 -41.98 1.22
C ASP E 45 2.79 -40.75 1.87
N LEU E 46 3.99 -40.86 2.42
CA LEU E 46 4.66 -39.73 3.00
C LEU E 46 6.03 -39.61 2.31
N ASN E 47 6.09 -38.79 1.27
CA ASN E 47 7.33 -38.57 0.53
C ASN E 47 7.94 -39.87 0.00
N GLY E 48 7.12 -40.76 -0.56
CA GLY E 48 7.64 -42.00 -1.10
C GLY E 48 7.57 -43.25 -0.23
N ASP E 49 7.39 -43.07 1.08
CA ASP E 49 7.29 -44.20 1.99
C ASP E 49 5.86 -44.38 2.55
N PRO E 50 5.42 -45.63 2.73
CA PRO E 50 4.09 -45.87 3.28
C PRO E 50 4.04 -45.32 4.69
N PHE E 51 2.90 -44.78 5.09
CA PHE E 51 2.74 -44.21 6.43
C PHE E 51 1.33 -44.51 6.92
N SER E 52 1.25 -45.22 8.04
CA SER E 52 -0.03 -45.59 8.61
C SER E 52 -0.67 -44.45 9.33
N GLY E 53 -1.88 -44.09 8.90
CA GLY E 53 -2.59 -43.02 9.56
C GLY E 53 -3.26 -43.59 10.79
N PRO E 54 -3.76 -42.75 11.69
CA PRO E 54 -4.42 -43.26 12.90
C PRO E 54 -5.60 -44.16 12.50
N LYS E 55 -5.84 -45.20 13.29
CA LYS E 55 -6.96 -46.12 13.05
C LYS E 55 -8.26 -45.52 13.66
N HIS E 56 -9.34 -45.54 12.89
CA HIS E 56 -10.63 -45.05 13.38
C HIS E 56 -11.52 -46.27 13.29
N THR E 57 -11.19 -47.21 14.16
CA THR E 57 -11.82 -48.50 14.24
C THR E 57 -13.18 -48.57 14.96
N SER E 58 -14.07 -49.36 14.37
CA SER E 58 -15.42 -49.59 14.90
C SER E 58 -15.47 -50.97 15.52
N LYS E 59 -16.15 -51.09 16.65
CA LYS E 59 -16.24 -52.39 17.33
C LYS E 59 -17.30 -53.32 16.72
N LEU E 60 -18.24 -52.76 15.94
CA LEU E 60 -19.27 -53.58 15.32
C LEU E 60 -18.64 -54.69 14.48
N PRO E 61 -19.29 -55.86 14.43
CA PRO E 61 -18.79 -57.00 13.66
C PRO E 61 -19.15 -56.82 12.18
N TYR E 62 -18.46 -55.90 11.51
CA TYR E 62 -18.71 -55.63 10.10
C TYR E 62 -17.69 -56.32 9.19
N LYS E 63 -18.00 -56.36 7.90
CA LYS E 63 -17.13 -56.96 6.89
C LYS E 63 -16.01 -55.98 6.53
N ASN E 64 -14.77 -56.46 6.58
CA ASN E 64 -13.64 -55.61 6.25
C ASN E 64 -13.25 -55.69 4.78
N VAL E 65 -12.77 -54.57 4.25
CA VAL E 65 -12.34 -54.50 2.87
C VAL E 65 -11.02 -53.71 2.80
N LYS E 66 -10.17 -54.05 1.85
CA LYS E 66 -8.91 -53.35 1.68
C LYS E 66 -8.88 -52.84 0.25
N ILE E 67 -8.70 -51.52 0.10
CA ILE E 67 -8.64 -50.90 -1.22
C ILE E 67 -7.19 -50.49 -1.49
N GLU E 68 -6.52 -51.24 -2.36
CA GLU E 68 -5.13 -50.93 -2.68
C GLU E 68 -5.03 -50.18 -3.99
N LEU E 69 -4.58 -48.93 -3.91
CA LEU E 69 -4.42 -48.12 -5.11
C LEU E 69 -3.04 -48.38 -5.67
N LYS E 70 -2.88 -48.24 -6.98
CA LYS E 70 -1.58 -48.45 -7.61
C LYS E 70 -0.84 -47.12 -7.60
N PHE E 71 -0.47 -46.68 -6.40
CA PHE E 71 0.25 -45.42 -6.21
C PHE E 71 1.60 -45.50 -6.92
N PRO E 72 1.98 -44.42 -7.63
CA PRO E 72 1.22 -43.17 -7.78
C PRO E 72 0.51 -42.98 -9.13
N ASP E 73 0.45 -44.03 -9.94
CA ASP E 73 -0.20 -43.94 -11.25
C ASP E 73 -1.70 -43.85 -11.13
N GLU E 74 -2.20 -44.46 -10.06
CA GLU E 74 -3.62 -44.46 -9.79
C GLU E 74 -3.94 -43.67 -8.51
N PHE E 75 -5.00 -42.87 -8.56
CA PHE E 75 -5.39 -42.08 -7.40
C PHE E 75 -6.88 -41.81 -7.47
N LEU E 76 -7.48 -41.48 -6.33
CA LEU E 76 -8.91 -41.20 -6.28
C LEU E 76 -9.32 -40.05 -7.18
N GLU E 77 -10.36 -40.28 -7.98
CA GLU E 77 -10.90 -39.27 -8.90
C GLU E 77 -12.25 -38.75 -8.38
N SER E 78 -12.86 -39.47 -7.45
CA SER E 78 -14.13 -39.06 -6.88
C SER E 78 -14.50 -39.91 -5.67
N VAL E 79 -15.22 -39.28 -4.76
CA VAL E 79 -15.70 -39.92 -3.53
C VAL E 79 -17.18 -39.60 -3.48
N SER E 80 -18.01 -40.60 -3.21
CA SER E 80 -19.45 -40.39 -3.13
C SER E 80 -20.04 -41.36 -2.12
N GLY E 81 -21.27 -41.08 -1.69
CA GLY E 81 -21.89 -41.94 -0.70
C GLY E 81 -23.24 -41.46 -0.22
N TYR E 82 -23.69 -42.05 0.88
CA TYR E 82 -24.96 -41.70 1.45
C TYR E 82 -24.89 -41.46 2.95
N THR E 83 -25.62 -40.45 3.39
CA THR E 83 -25.69 -40.10 4.80
C THR E 83 -27.17 -40.11 5.20
N GLY E 84 -27.44 -40.63 6.40
CA GLY E 84 -28.79 -40.72 6.90
C GLY E 84 -28.79 -41.36 8.27
N PRO E 85 -29.88 -41.22 9.02
CA PRO E 85 -29.92 -41.83 10.36
C PRO E 85 -29.91 -43.35 10.22
N PHE E 86 -29.58 -44.04 11.30
CA PHE E 86 -29.51 -45.49 11.29
C PHE E 86 -30.20 -46.08 12.54
N SER E 87 -31.40 -46.60 12.28
CA SER E 87 -32.31 -47.23 13.22
C SER E 87 -31.66 -48.07 14.29
N ALA E 88 -30.78 -48.96 13.86
CA ALA E 88 -30.08 -49.85 14.77
C ALA E 88 -29.28 -49.16 15.88
N LEU E 89 -29.07 -47.86 15.73
CA LEU E 89 -28.31 -47.11 16.74
C LEU E 89 -29.29 -46.55 17.78
N ALA E 90 -28.76 -46.03 18.90
CA ALA E 90 -29.60 -45.44 19.92
C ALA E 90 -29.72 -43.95 19.62
N THR E 91 -28.66 -43.41 19.02
CA THR E 91 -28.61 -42.00 18.65
C THR E 91 -29.29 -41.80 17.28
N PRO E 92 -30.11 -40.56 16.63
CA PRO E 92 -31.09 -40.16 15.60
C PRO E 92 -30.45 -39.22 14.57
N THR E 93 -29.21 -39.52 14.15
CA THR E 93 -28.15 -38.57 14.39
C THR E 93 -27.88 -37.85 13.23
N PRO E 94 -27.91 -38.00 11.89
CA PRO E 94 -27.10 -38.56 10.78
C PRO E 94 -25.86 -39.46 10.73
N VAL E 95 -25.43 -40.60 9.90
CA VAL E 95 -24.15 -41.30 9.89
C VAL E 95 -23.82 -41.63 8.43
N VAL E 96 -22.57 -42.02 8.13
CA VAL E 96 -22.27 -42.35 6.74
C VAL E 96 -22.76 -43.78 6.53
N ARG E 97 -23.77 -43.91 5.69
CA ARG E 97 -24.38 -45.21 5.43
C ARG E 97 -23.68 -45.96 4.31
N SER E 98 -23.14 -45.20 3.37
CA SER E 98 -22.48 -45.79 2.21
C SER E 98 -21.32 -44.94 1.67
N LEU E 99 -20.38 -45.61 1.02
CA LEU E 99 -19.20 -44.98 0.44
C LEU E 99 -18.86 -45.65 -0.88
N THR E 100 -18.47 -44.86 -1.88
CA THR E 100 -18.07 -45.37 -3.20
C THR E 100 -16.83 -44.60 -3.65
N PHE E 101 -15.81 -45.30 -4.12
CA PHE E 101 -14.58 -44.66 -4.59
C PHE E 101 -14.29 -44.96 -6.07
N LYS E 102 -14.00 -43.94 -6.85
CA LYS E 102 -13.68 -44.14 -8.26
C LYS E 102 -12.24 -43.64 -8.52
N THR E 103 -11.53 -44.41 -9.32
CA THR E 103 -10.13 -44.16 -9.64
C THR E 103 -9.95 -43.49 -11.01
N ASN E 104 -8.80 -42.87 -11.23
CA ASN E 104 -8.49 -42.23 -12.52
C ASN E 104 -8.28 -43.30 -13.58
N LYS E 105 -7.98 -44.52 -13.13
CA LYS E 105 -7.75 -45.67 -14.01
C LYS E 105 -9.06 -46.37 -14.36
N GLY E 106 -10.19 -45.82 -13.91
CA GLY E 106 -11.46 -46.44 -14.22
C GLY E 106 -11.98 -47.50 -13.26
N ARG E 107 -11.26 -47.77 -12.18
CA ARG E 107 -11.72 -48.77 -11.22
C ARG E 107 -12.71 -48.15 -10.23
N THR E 108 -13.73 -48.92 -9.88
CA THR E 108 -14.75 -48.47 -8.94
C THR E 108 -14.72 -49.43 -7.78
N PHE E 109 -14.68 -48.92 -6.55
CA PHE E 109 -14.69 -49.79 -5.40
C PHE E 109 -16.03 -49.79 -4.70
N GLY E 110 -16.79 -50.86 -4.95
CA GLY E 110 -18.11 -51.01 -4.39
C GLY E 110 -19.01 -49.86 -4.75
N PRO E 111 -19.91 -49.48 -3.85
CA PRO E 111 -20.89 -49.05 -2.86
C PRO E 111 -20.78 -50.04 -1.71
N TYR E 112 -20.21 -49.58 -0.61
CA TYR E 112 -20.08 -50.38 0.58
C TYR E 112 -21.14 -49.80 1.51
N GLY E 113 -22.00 -50.66 2.05
CA GLY E 113 -23.06 -50.19 2.94
C GLY E 113 -24.38 -49.98 2.21
N ASP E 114 -25.36 -49.45 2.93
CA ASP E 114 -26.68 -49.18 2.38
C ASP E 114 -26.74 -47.87 1.63
N GLU E 115 -27.11 -47.94 0.37
CA GLU E 115 -27.22 -46.77 -0.49
C GLU E 115 -28.57 -46.12 -0.17
N GLU E 116 -28.70 -45.65 1.07
CA GLU E 116 -29.95 -45.05 1.56
C GLU E 116 -29.76 -43.71 2.28
N GLY E 117 -30.60 -42.73 1.96
CA GLY E 117 -30.49 -41.43 2.61
C GLY E 117 -30.19 -40.29 1.66
N THR E 118 -29.45 -39.29 2.13
CA THR E 118 -29.11 -38.17 1.28
C THR E 118 -27.70 -38.36 0.69
N TYR E 119 -27.65 -38.24 -0.63
CA TYR E 119 -26.46 -38.42 -1.46
C TYR E 119 -25.45 -37.28 -1.44
N PHE E 120 -24.16 -37.61 -1.50
CA PHE E 120 -23.09 -36.62 -1.59
C PHE E 120 -22.13 -37.15 -2.64
N ASN E 121 -21.59 -36.23 -3.43
CA ASN E 121 -20.72 -36.57 -4.55
C ASN E 121 -19.62 -35.54 -4.77
N LEU E 122 -18.36 -35.98 -4.71
CA LEU E 122 -17.22 -35.10 -4.90
C LEU E 122 -16.36 -35.54 -6.09
N PRO E 123 -16.67 -35.05 -7.30
CA PRO E 123 -15.93 -35.39 -8.51
C PRO E 123 -14.72 -34.46 -8.57
N ILE E 124 -13.53 -34.99 -8.78
CA ILE E 124 -12.34 -34.17 -8.84
C ILE E 124 -11.75 -34.10 -10.24
N GLU E 125 -11.75 -32.90 -10.80
CA GLU E 125 -11.20 -32.71 -12.15
C GLU E 125 -9.69 -32.49 -12.11
N ASN E 126 -9.22 -31.79 -11.10
CA ASN E 126 -7.80 -31.52 -10.94
C ASN E 126 -7.49 -31.36 -9.48
N GLY E 127 -6.49 -32.09 -9.00
CA GLY E 127 -6.14 -32.04 -7.61
C GLY E 127 -6.06 -33.44 -7.05
N LEU E 128 -5.61 -33.56 -5.81
CA LEU E 128 -5.44 -34.86 -5.18
C LEU E 128 -5.96 -34.86 -3.78
N ILE E 129 -6.59 -35.96 -3.36
CA ILE E 129 -7.06 -36.07 -1.98
C ILE E 129 -5.76 -36.41 -1.28
N VAL E 130 -5.44 -35.65 -0.25
CA VAL E 130 -4.17 -35.83 0.42
C VAL E 130 -4.28 -36.13 1.92
N GLY E 131 -5.51 -36.31 2.40
CA GLY E 131 -5.74 -36.61 3.80
C GLY E 131 -7.23 -36.69 4.09
N PHE E 132 -7.58 -37.37 5.18
CA PHE E 132 -8.98 -37.49 5.55
C PHE E 132 -9.22 -36.89 6.90
N LYS E 133 -10.46 -36.48 7.10
CA LYS E 133 -10.93 -35.84 8.32
C LYS E 133 -12.33 -36.46 8.55
N GLY E 134 -12.76 -36.57 9.79
CA GLY E 134 -14.09 -37.15 10.02
C GLY E 134 -14.50 -37.28 11.47
N ARG E 135 -15.56 -38.03 11.70
CA ARG E 135 -16.05 -38.25 13.06
C ARG E 135 -16.38 -39.73 13.22
N THR E 136 -15.97 -40.29 14.35
CA THR E 136 -16.22 -41.68 14.64
C THR E 136 -16.72 -41.87 16.07
N GLY E 137 -17.79 -42.64 16.20
CA GLY E 137 -18.35 -42.95 17.51
C GLY E 137 -18.27 -44.47 17.51
N ASP E 138 -19.42 -45.11 17.30
CA ASP E 138 -19.45 -46.57 17.22
C ASP E 138 -19.24 -46.89 15.74
N LEU E 139 -19.63 -45.94 14.88
CA LEU E 139 -19.51 -46.04 13.42
C LEU E 139 -18.88 -44.76 12.88
N LEU E 140 -18.83 -44.64 11.57
CA LEU E 140 -18.31 -43.45 10.92
C LEU E 140 -19.47 -42.45 10.81
N ASP E 141 -19.44 -41.42 11.65
CA ASP E 141 -20.48 -40.40 11.63
C ASP E 141 -20.35 -39.43 10.46
N ALA E 142 -19.12 -39.01 10.17
CA ALA E 142 -18.90 -38.06 9.07
C ALA E 142 -17.53 -38.24 8.45
N ILE E 143 -17.40 -37.78 7.21
CA ILE E 143 -16.16 -37.93 6.48
C ILE E 143 -15.86 -36.63 5.73
N GLY E 144 -14.59 -36.22 5.75
CA GLY E 144 -14.17 -35.01 5.07
C GLY E 144 -12.85 -35.21 4.35
N ILE E 145 -12.48 -34.27 3.48
CA ILE E 145 -11.27 -34.40 2.70
C ILE E 145 -10.31 -33.19 2.64
N HIS E 146 -9.00 -33.46 2.64
CA HIS E 146 -7.97 -32.43 2.49
C HIS E 146 -7.46 -32.59 1.05
N MET E 147 -7.26 -31.48 0.33
CA MET E 147 -6.80 -31.56 -1.07
C MET E 147 -5.62 -30.65 -1.37
N SER E 148 -4.81 -31.08 -2.34
CA SER E 148 -3.62 -30.35 -2.81
C SER E 148 -3.37 -30.60 -4.29
N LEU E 149 -2.42 -29.86 -4.85
CA LEU E 149 -2.05 -30.05 -6.26
C LEU E 149 -0.88 -31.03 -6.35
N AYA F 1 1.01 -21.93 -18.15
CA AYA F 1 -0.04 -22.20 -17.20
CB AYA F 1 -1.31 -22.50 -18.01
C AYA F 1 -0.34 -22.53 -15.73
O AYA F 1 -0.17 -23.64 -15.31
CT AYA F 1 2.25 -21.61 -17.79
OT AYA F 1 2.49 -20.53 -17.26
CM AYA F 1 3.35 -22.62 -18.10
N SER F 2 -0.69 -21.40 -14.59
CA SER F 2 -0.86 -22.09 -13.31
C SER F 2 -2.18 -22.87 -13.33
N GLN F 3 -2.39 -23.70 -12.33
CA GLN F 3 -3.60 -24.51 -12.24
C GLN F 3 -4.24 -24.35 -10.85
N THR F 4 -5.49 -24.77 -10.72
CA THR F 4 -6.17 -24.68 -9.46
C THR F 4 -6.91 -25.99 -9.24
N ILE F 5 -7.18 -26.31 -7.98
CA ILE F 5 -7.92 -27.51 -7.66
C ILE F 5 -9.29 -27.24 -8.29
N THR F 6 -9.73 -28.15 -9.14
CA THR F 6 -11.02 -27.98 -9.78
C THR F 6 -11.89 -29.15 -9.36
N VAL F 7 -13.02 -28.82 -8.79
CA VAL F 7 -13.88 -29.82 -8.29
C VAL F 7 -15.24 -29.76 -8.93
N GLY F 8 -15.86 -30.93 -9.00
CA GLY F 8 -17.16 -30.99 -9.54
C GLY F 8 -17.20 -31.49 -10.95
N PRO F 9 -17.86 -30.98 -12.48
CA PRO F 9 -19.23 -30.56 -12.60
C PRO F 9 -20.42 -31.32 -12.03
N TRP F 10 -21.40 -30.58 -11.49
CA TRP F 10 -22.62 -31.20 -10.99
C TRP F 10 -23.62 -30.79 -12.07
N GLY F 11 -24.33 -31.79 -12.62
CA GLY F 11 -25.29 -31.53 -13.67
C GLY F 11 -25.12 -32.49 -14.83
N GLY F 12 -25.75 -32.17 -15.96
CA GLY F 12 -25.69 -33.04 -17.12
C GLY F 12 -24.68 -32.66 -18.17
N PRO F 13 -24.56 -33.47 -19.24
CA PRO F 13 -23.63 -33.26 -20.35
C PRO F 13 -24.16 -32.36 -21.46
N GLY F 14 -25.36 -31.85 -21.28
CA GLY F 14 -25.94 -30.99 -22.31
C GLY F 14 -25.29 -29.63 -22.43
N GLY F 15 -25.75 -28.85 -23.40
CA GLY F 15 -25.24 -27.51 -23.61
C GLY F 15 -23.80 -27.42 -24.07
N ASN F 16 -23.23 -26.22 -23.96
CA ASN F 16 -21.83 -26.01 -24.36
C ASN F 16 -20.97 -25.74 -23.13
N GLY F 17 -19.81 -26.37 -23.09
CA GLY F 17 -18.91 -26.17 -21.96
C GLY F 17 -18.22 -24.82 -21.98
N TRP F 18 -18.06 -24.25 -20.79
CA TRP F 18 -17.36 -22.98 -20.64
C TRP F 18 -16.57 -23.05 -19.35
N ASP F 19 -15.49 -22.29 -19.29
CA ASP F 19 -14.62 -22.22 -18.10
C ASP F 19 -14.18 -20.76 -17.99
N ASP F 20 -14.57 -20.09 -16.92
CA ASP F 20 -14.17 -18.70 -16.81
C ASP F 20 -12.74 -18.54 -16.35
N GLY F 21 -12.16 -19.63 -15.84
CA GLY F 21 -10.80 -19.56 -15.37
C GLY F 21 -10.74 -19.23 -13.89
N SER F 22 -9.56 -18.82 -13.44
CA SER F 22 -9.32 -18.49 -12.04
C SER F 22 -8.95 -17.03 -11.81
N TYR F 23 -9.36 -16.52 -10.65
CA TYR F 23 -9.10 -15.14 -10.31
C TYR F 23 -8.64 -15.03 -8.85
N THR F 24 -8.79 -13.84 -8.27
CA THR F 24 -8.37 -13.61 -6.89
C THR F 24 -9.53 -13.80 -5.90
N GLY F 25 -10.75 -13.70 -6.38
CA GLY F 25 -11.89 -13.88 -5.49
C GLY F 25 -13.20 -13.60 -6.18
N ILE F 26 -14.28 -13.55 -5.42
CA ILE F 26 -15.59 -13.31 -5.98
C ILE F 26 -16.24 -12.10 -5.33
N ARG F 27 -16.73 -11.19 -6.17
CA ARG F 27 -17.39 -9.99 -5.68
C ARG F 27 -18.90 -10.05 -5.83
N GLN F 28 -19.36 -10.47 -7.01
CA GLN F 28 -20.80 -10.52 -7.29
C GLN F 28 -21.22 -11.67 -8.19
N ILE F 29 -22.36 -12.27 -7.90
CA ILE F 29 -22.90 -13.36 -8.70
C ILE F 29 -24.27 -12.98 -9.23
N GLU F 30 -24.47 -13.15 -10.53
CA GLU F 30 -25.74 -12.83 -11.19
C GLU F 30 -26.34 -14.07 -11.85
N LEU F 31 -27.55 -14.44 -11.42
CA LEU F 31 -28.21 -15.58 -12.04
C LEU F 31 -29.69 -15.33 -12.29
N SER F 32 -30.27 -16.09 -13.20
CA SER F 32 -31.70 -15.97 -13.49
C SER F 32 -32.29 -17.34 -13.15
N TYR F 33 -33.53 -17.35 -12.67
CA TYR F 33 -34.15 -18.60 -12.31
C TYR F 33 -35.67 -18.55 -12.38
N LYS F 34 -36.25 -19.75 -12.32
CA LYS F 34 -37.69 -19.95 -12.31
C LYS F 34 -37.84 -21.36 -11.76
N GLU F 35 -37.97 -22.35 -12.65
CA GLU F 35 -38.11 -23.74 -12.22
C GLU F 35 -36.75 -24.41 -12.29
N ALA F 36 -35.80 -23.73 -12.94
CA ALA F 36 -34.41 -24.18 -13.09
C ALA F 36 -33.54 -22.92 -13.14
N ILE F 37 -32.21 -23.07 -13.17
CA ILE F 37 -31.35 -21.90 -13.23
C ILE F 37 -31.09 -21.60 -14.69
N GLY F 38 -31.27 -20.34 -15.07
CA GLY F 38 -31.05 -19.95 -16.44
C GLY F 38 -29.69 -19.34 -16.64
N SER F 39 -29.61 -18.01 -16.50
CA SER F 39 -28.37 -17.26 -16.68
C SER F 39 -27.43 -17.38 -15.48
N PHE F 40 -26.14 -17.24 -15.75
CA PHE F 40 -25.12 -17.29 -14.71
C PHE F 40 -23.88 -16.55 -15.15
N SER F 41 -23.50 -15.53 -14.39
CA SER F 41 -22.31 -14.76 -14.72
C SER F 41 -21.79 -14.19 -13.42
N VAL F 42 -20.48 -13.91 -13.36
CA VAL F 42 -19.97 -13.37 -12.12
C VAL F 42 -18.96 -12.27 -12.30
N ILE F 43 -18.90 -11.42 -11.28
CA ILE F 43 -17.95 -10.34 -11.27
C ILE F 43 -16.94 -10.79 -10.24
N TYR F 44 -15.75 -11.10 -10.75
CA TYR F 44 -14.65 -11.57 -9.95
C TYR F 44 -13.80 -10.44 -9.48
N ASP F 45 -12.94 -10.74 -8.52
CA ASP F 45 -11.98 -9.76 -8.08
C ASP F 45 -10.70 -10.20 -8.79
N LEU F 46 -9.98 -9.25 -9.36
CA LEU F 46 -8.71 -9.58 -10.00
C LEU F 46 -7.70 -8.64 -9.36
N ASN F 47 -6.99 -9.13 -8.35
CA ASN F 47 -5.97 -8.34 -7.68
C ASN F 47 -6.47 -6.99 -7.16
N GLY F 48 -7.66 -6.96 -6.55
CA GLY F 48 -8.18 -5.73 -6.01
C GLY F 48 -9.17 -4.96 -6.88
N ASP F 49 -9.20 -5.24 -8.18
CA ASP F 49 -10.13 -4.55 -9.06
C ASP F 49 -11.26 -5.47 -9.56
N PRO F 50 -12.47 -4.93 -9.72
CA PRO F 50 -13.58 -5.77 -10.18
C PRO F 50 -13.27 -6.22 -11.61
N PHE F 51 -13.71 -7.43 -11.95
CA PHE F 51 -13.46 -7.96 -13.29
C PHE F 51 -14.67 -8.78 -13.72
N SER F 52 -15.28 -8.38 -14.84
CA SER F 52 -16.45 -9.07 -15.36
C SER F 52 -16.10 -10.36 -16.06
N GLY F 53 -16.63 -11.46 -15.56
CA GLY F 53 -16.36 -12.74 -16.20
C GLY F 53 -17.28 -12.86 -17.40
N PRO F 54 -17.02 -13.81 -18.29
CA PRO F 54 -17.90 -13.96 -19.47
C PRO F 54 -19.34 -14.22 -19.02
N LYS F 55 -20.30 -13.69 -19.76
CA LYS F 55 -21.73 -13.88 -19.47
C LYS F 55 -22.18 -15.24 -20.03
N HIS F 56 -22.93 -15.99 -19.24
CA HIS F 56 -23.45 -17.29 -19.68
C HIS F 56 -24.96 -17.11 -19.54
N THR F 57 -25.45 -16.22 -20.38
CA THR F 57 -26.83 -15.82 -20.38
C THR F 57 -27.83 -16.77 -21.04
N SER F 58 -29.00 -16.87 -20.41
CA SER F 58 -30.11 -17.70 -20.89
C SER F 58 -31.18 -16.78 -21.47
N LYS F 59 -31.76 -17.19 -22.59
CA LYS F 59 -32.81 -16.39 -23.23
C LYS F 59 -34.18 -16.53 -22.56
N LEU F 60 -34.37 -17.58 -21.76
CA LEU F 60 -35.65 -17.76 -21.09
C LEU F 60 -36.01 -16.52 -20.26
N PRO F 61 -37.30 -16.21 -20.16
CA PRO F 61 -37.76 -15.05 -19.39
C PRO F 61 -37.82 -15.41 -17.90
N TYR F 62 -36.64 -15.50 -17.28
CA TYR F 62 -36.56 -15.85 -15.87
C TYR F 62 -36.32 -14.62 -15.00
N LYS F 63 -36.54 -14.78 -13.70
CA LYS F 63 -36.34 -13.71 -12.73
C LYS F 63 -34.85 -13.56 -12.44
N ASN F 64 -34.35 -12.33 -12.50
CA ASN F 64 -32.94 -12.05 -12.25
C ASN F 64 -32.66 -11.69 -10.79
N VAL F 65 -31.50 -12.12 -10.29
CA VAL F 65 -31.09 -11.79 -8.92
C VAL F 65 -29.62 -11.41 -8.94
N LYS F 66 -29.24 -10.55 -8.01
CA LYS F 66 -27.87 -10.11 -7.92
C LYS F 66 -27.42 -10.41 -6.49
N ILE F 67 -26.33 -11.16 -6.37
CA ILE F 67 -25.79 -11.51 -5.06
C ILE F 67 -24.48 -10.74 -4.87
N GLU F 68 -24.54 -9.70 -4.03
CA GLU F 68 -23.35 -8.90 -3.78
C GLU F 68 -22.68 -9.32 -2.47
N LEU F 69 -21.46 -9.83 -2.57
CA LEU F 69 -20.72 -10.24 -1.39
C LEU F 69 -19.93 -9.04 -0.90
N LYS F 70 -19.68 -8.98 0.39
CA LYS F 70 -18.92 -7.87 0.95
C LYS F 70 -17.45 -8.27 0.92
N PHE F 71 -16.91 -8.32 -0.30
CA PHE F 71 -15.53 -8.66 -0.53
C PHE F 71 -14.64 -7.63 0.15
N PRO F 72 -13.56 -8.07 0.82
CA PRO F 72 -13.12 -9.46 0.97
C PRO F 72 -13.40 -10.09 2.34
N ASP F 73 -14.19 -9.42 3.17
CA ASP F 73 -14.51 -9.94 4.51
C ASP F 73 -15.50 -11.06 4.45
N GLU F 74 -16.31 -11.03 3.41
CA GLU F 74 -17.32 -12.05 3.20
C GLU F 74 -17.01 -12.85 1.92
N PHE F 75 -17.13 -14.17 2.00
CA PHE F 75 -16.89 -15.03 0.85
C PHE F 75 -17.73 -16.29 0.96
N LEU F 76 -17.91 -17.00 -0.15
CA LEU F 76 -18.69 -18.24 -0.14
C LEU F 76 -18.09 -19.31 0.76
N GLU F 77 -18.93 -19.89 1.61
CA GLU F 77 -18.52 -20.95 2.52
C GLU F 77 -19.10 -22.29 2.05
N SER F 78 -20.09 -22.23 1.17
CA SER F 78 -20.70 -23.45 0.65
C SER F 78 -21.59 -23.18 -0.53
N VAL F 79 -21.64 -24.16 -1.44
CA VAL F 79 -22.49 -24.09 -2.62
C VAL F 79 -23.28 -25.41 -2.61
N SER F 80 -24.58 -25.34 -2.82
CA SER F 80 -25.44 -26.52 -2.83
C SER F 80 -26.59 -26.35 -3.80
N GLY F 81 -27.21 -27.44 -4.20
CA GLY F 81 -28.30 -27.31 -5.14
C GLY F 81 -28.89 -28.63 -5.56
N TYR F 82 -29.68 -28.59 -6.63
CA TYR F 82 -30.33 -29.77 -7.15
C TYR F 82 -30.16 -29.89 -8.66
N THR F 83 -29.97 -31.14 -9.09
CA THR F 83 -29.82 -31.50 -10.49
C THR F 83 -30.86 -32.53 -10.84
N GLY F 84 -31.47 -32.37 -12.01
CA GLY F 84 -32.47 -33.32 -12.44
C GLY F 84 -32.98 -32.90 -13.80
N PRO F 85 -33.65 -33.81 -14.52
CA PRO F 85 -34.17 -33.46 -15.84
C PRO F 85 -35.25 -32.39 -15.69
N PHE F 86 -35.56 -31.72 -16.79
CA PHE F 86 -36.57 -30.69 -16.74
C PHE F 86 -37.52 -30.82 -17.94
N SER F 87 -38.72 -31.32 -17.62
CA SER F 87 -39.86 -31.57 -18.51
C SER F 87 -40.05 -30.54 -19.62
N ALA F 88 -40.11 -29.28 -19.21
CA ALA F 88 -40.31 -28.17 -20.13
C ALA F 88 -39.28 -28.09 -21.26
N LEU F 89 -38.20 -28.83 -21.16
CA LEU F 89 -37.17 -28.82 -22.22
C LEU F 89 -37.47 -29.97 -23.19
N ALA F 90 -36.79 -29.95 -24.33
CA ALA F 90 -36.98 -30.99 -25.34
C ALA F 90 -35.97 -32.08 -25.05
N THR F 91 -34.83 -31.66 -24.51
CA THR F 91 -33.75 -32.56 -24.15
C THR F 91 -34.00 -33.18 -22.75
N PRO F 92 -33.68 -34.47 -22.58
CA PRO F 92 -33.85 -35.25 -21.36
C PRO F 92 -32.69 -35.27 -20.34
N THR F 93 -31.56 -34.65 -20.71
CA THR F 93 -30.39 -34.63 -19.82
C THR F 93 -30.59 -33.73 -18.59
N PRO F 94 -29.98 -34.12 -17.45
CA PRO F 94 -30.08 -33.37 -16.19
C PRO F 94 -29.57 -31.95 -16.34
N VAL F 95 -30.18 -31.04 -15.59
CA VAL F 95 -29.83 -29.62 -15.62
C VAL F 95 -29.80 -29.12 -14.17
N VAL F 96 -29.20 -27.96 -13.91
CA VAL F 96 -29.19 -27.49 -12.55
C VAL F 96 -30.55 -26.85 -12.30
N ARG F 97 -31.30 -27.47 -11.40
CA ARG F 97 -32.65 -27.02 -11.10
C ARG F 97 -32.65 -25.98 -10.00
N SER F 98 -31.69 -26.09 -9.08
CA SER F 98 -31.63 -25.17 -7.96
C SER F 98 -30.21 -24.89 -7.48
N LEU F 99 -30.02 -23.72 -6.89
CA LEU F 99 -28.73 -23.29 -6.35
C LEU F 99 -28.95 -22.55 -5.03
N THR F 100 -28.06 -22.76 -4.06
CA THR F 100 -28.13 -22.11 -2.75
C THR F 100 -26.69 -21.74 -2.36
N PHE F 101 -26.49 -20.50 -1.91
CA PHE F 101 -25.15 -20.03 -1.52
C PHE F 101 -25.12 -19.60 -0.05
N LYS F 102 -24.11 -20.05 0.69
CA LYS F 102 -23.99 -19.66 2.09
C LYS F 102 -22.66 -18.93 2.25
N THR F 103 -22.69 -17.91 3.09
CA THR F 103 -21.57 -17.05 3.34
C THR F 103 -20.88 -17.29 4.67
N ASN F 104 -19.63 -16.87 4.83
CA ASN F 104 -18.93 -17.05 6.09
C ASN F 104 -19.51 -16.13 7.15
N LYS F 105 -20.22 -15.10 6.70
CA LYS F 105 -20.85 -14.13 7.59
C LYS F 105 -22.25 -14.59 8.02
N GLY F 106 -22.63 -15.79 7.60
CA GLY F 106 -23.94 -16.31 7.97
C GLY F 106 -25.10 -15.98 7.06
N ARG F 107 -24.85 -15.31 5.93
CA ARG F 107 -25.95 -14.99 5.02
C ARG F 107 -26.22 -16.16 4.09
N THR F 108 -27.49 -16.39 3.79
CA THR F 108 -27.89 -17.46 2.90
C THR F 108 -28.63 -16.82 1.74
N PHE F 109 -28.26 -17.15 0.51
CA PHE F 109 -28.94 -16.58 -0.63
C PHE F 109 -29.88 -17.58 -1.26
N GLY F 110 -31.16 -17.40 -0.98
CA GLY F 110 -32.20 -18.26 -1.50
C GLY F 110 -31.98 -19.68 -1.07
N PRO F 111 -32.34 -20.63 -1.95
CA PRO F 111 -32.73 -21.66 -2.92
C PRO F 111 -33.44 -20.94 -4.06
N TYR F 112 -32.76 -20.86 -5.19
CA TYR F 112 -33.29 -20.23 -6.39
C TYR F 112 -33.62 -21.42 -7.27
N GLY F 113 -34.86 -21.49 -7.76
CA GLY F 113 -35.28 -22.58 -8.61
C GLY F 113 -36.01 -23.66 -7.82
N ASP F 114 -36.31 -24.78 -8.49
CA ASP F 114 -37.01 -25.90 -7.88
C ASP F 114 -36.06 -26.83 -7.16
N GLU F 115 -36.31 -27.02 -5.87
CA GLU F 115 -35.50 -27.90 -5.04
C GLU F 115 -35.96 -29.34 -5.31
N GLU F 116 -35.75 -29.79 -6.55
CA GLU F 116 -36.19 -31.10 -7.01
C GLU F 116 -35.10 -31.90 -7.74
N GLY F 117 -34.96 -33.18 -7.41
CA GLY F 117 -33.96 -34.00 -8.08
C GLY F 117 -32.88 -34.55 -7.15
N THR F 118 -31.67 -34.69 -7.67
CA THR F 118 -30.57 -35.20 -6.85
C THR F 118 -29.73 -34.03 -6.32
N TYR F 119 -29.55 -34.06 -4.99
CA TYR F 119 -28.85 -33.04 -4.22
C TYR F 119 -27.33 -33.09 -4.30
N PHE F 120 -26.69 -31.91 -4.29
CA PHE F 120 -25.23 -31.82 -4.27
C PHE F 120 -24.90 -30.75 -3.24
N ASN F 121 -23.83 -30.96 -2.50
CA ASN F 121 -23.46 -30.05 -1.42
C ASN F 121 -21.94 -29.95 -1.29
N LEU F 122 -21.41 -28.73 -1.38
CA LEU F 122 -19.97 -28.51 -1.24
C LEU F 122 -19.67 -27.55 -0.09
N PRO F 123 -19.47 -28.10 1.13
CA PRO F 123 -19.16 -27.29 2.31
C PRO F 123 -17.65 -27.03 2.32
N ILE F 124 -17.23 -25.78 2.47
CA ILE F 124 -15.81 -25.48 2.47
C ILE F 124 -15.32 -25.07 3.84
N GLU F 125 -14.40 -25.86 4.40
CA GLU F 125 -13.85 -25.58 5.71
C GLU F 125 -12.65 -24.64 5.61
N ASN F 126 -11.84 -24.81 4.56
CA ASN F 126 -10.68 -23.95 4.35
C ASN F 126 -10.44 -23.87 2.84
N GLY F 127 -10.29 -22.65 2.35
CA GLY F 127 -10.08 -22.44 0.93
C GLY F 127 -11.07 -21.45 0.38
N LEU F 128 -10.91 -21.10 -0.88
CA LEU F 128 -11.76 -20.09 -1.48
C LEU F 128 -12.17 -20.48 -2.88
N ILE F 129 -13.42 -20.23 -3.26
CA ILE F 129 -13.85 -20.51 -4.62
C ILE F 129 -13.24 -19.35 -5.35
N VAL F 130 -12.56 -19.64 -6.44
CA VAL F 130 -11.82 -18.60 -7.14
C VAL F 130 -12.16 -18.49 -8.64
N GLY F 131 -13.17 -19.26 -9.03
CA GLY F 131 -13.60 -19.25 -10.42
C GLY F 131 -14.66 -20.31 -10.65
N PHE F 132 -15.48 -20.11 -11.68
CA PHE F 132 -16.53 -21.07 -11.99
C PHE F 132 -16.31 -21.69 -13.36
N LYS F 133 -16.86 -22.88 -13.50
CA LYS F 133 -16.76 -23.68 -14.71
C LYS F 133 -18.19 -24.26 -14.86
N GLY F 134 -18.59 -24.57 -16.10
CA GLY F 134 -19.92 -25.15 -16.27
C GLY F 134 -20.37 -25.38 -17.70
N ARG F 135 -21.65 -25.69 -17.87
CA ARG F 135 -22.19 -25.90 -19.20
C ARG F 135 -23.50 -25.14 -19.34
N THR F 136 -23.66 -24.47 -20.46
CA THR F 136 -24.87 -23.70 -20.71
C THR F 136 -25.41 -23.97 -22.11
N GLY F 137 -26.72 -24.23 -22.18
CA GLY F 137 -27.39 -24.44 -23.46
C GLY F 137 -28.43 -23.34 -23.44
N ASP F 138 -29.50 -23.88 -22.91
CA ASP F 138 -30.58 -22.91 -22.79
C ASP F 138 -30.60 -22.53 -21.31
N LEU F 139 -30.34 -23.29 -20.73
CA LEU F 139 -30.27 -23.09 -19.29
C LEU F 139 -28.87 -23.50 -18.79
N LEU F 140 -28.71 -23.51 -17.47
CA LEU F 140 -27.46 -23.94 -16.86
C LEU F 140 -27.49 -25.46 -16.71
N ASP F 141 -26.77 -26.15 -17.59
CA ASP F 141 -26.74 -27.61 -17.55
C ASP F 141 -25.90 -28.15 -16.39
N ALA F 142 -24.74 -27.55 -16.15
CA ALA F 142 -23.86 -27.99 -15.09
C ALA F 142 -23.03 -26.84 -14.53
N ILE F 143 -22.56 -27.03 -13.30
CA ILE F 143 -21.77 -26.03 -12.62
C ILE F 143 -20.59 -26.68 -11.91
N GLY F 144 -19.43 -26.03 -11.97
CA GLY F 144 -18.24 -26.56 -11.33
C GLY F 144 -17.45 -25.44 -10.69
N ILE F 145 -16.48 -25.78 -9.84
CA ILE F 145 -15.72 -24.78 -9.12
C ILE F 145 -14.19 -24.91 -9.16
N HIS F 146 -13.49 -23.76 -9.18
CA HIS F 146 -12.02 -23.72 -9.11
C HIS F 146 -11.73 -23.24 -7.68
N MET F 147 -10.75 -23.81 -6.99
CA MET F 147 -10.44 -23.41 -5.62
C MET F 147 -8.94 -23.14 -5.39
N SER F 148 -8.66 -22.28 -4.41
CA SER F 148 -7.30 -21.89 -4.00
C SER F 148 -7.26 -21.49 -2.53
N LEU F 149 -6.04 -21.29 -2.03
CA LEU F 149 -5.87 -20.87 -0.64
C LEU F 149 -5.78 -19.35 -0.57
N AYA G 1 1.31 -38.90 -5.97
CA AYA G 1 2.00 -37.69 -5.59
CB AYA G 1 3.49 -37.99 -5.58
C AYA G 1 1.63 -36.21 -5.37
O AYA G 1 1.54 -35.44 -6.30
CT AYA G 1 -0.01 -38.97 -6.05
OT AYA G 1 -0.68 -38.88 -5.02
CM AYA G 1 -0.64 -39.16 -7.42
N SER G 2 1.47 -35.45 -3.95
CA SER G 2 1.32 -34.02 -4.19
C SER G 2 2.71 -33.42 -4.40
N GLN G 3 2.74 -32.21 -4.91
CA GLN G 3 4.01 -31.51 -5.18
C GLN G 3 4.05 -30.16 -4.47
N THR G 4 5.24 -29.57 -4.37
CA THR G 4 5.37 -28.29 -3.72
C THR G 4 6.28 -27.44 -4.58
N ILE G 5 6.18 -26.11 -4.44
CA ILE G 5 7.04 -25.22 -5.17
C ILE G 5 8.43 -25.49 -4.59
N THR G 6 9.36 -25.84 -5.46
CA THR G 6 10.69 -26.17 -5.02
C THR G 6 11.62 -25.17 -5.65
N VAL G 7 12.34 -24.48 -4.79
CA VAL G 7 13.20 -23.46 -5.26
C VAL G 7 14.64 -23.70 -4.88
N GLY G 8 15.50 -23.20 -5.74
CA GLY G 8 16.89 -23.33 -5.48
C GLY G 8 17.67 -24.54 -5.94
N PRO G 9 18.88 -25.48 -6.32
CA PRO G 9 19.72 -25.70 -5.18
C PRO G 9 20.78 -24.60 -5.31
N TRP G 10 21.31 -24.17 -4.18
CA TRP G 10 22.38 -23.19 -4.19
C TRP G 10 23.57 -24.04 -3.72
N GLY G 11 24.64 -24.00 -4.51
CA GLY G 11 25.82 -24.78 -4.18
C GLY G 11 26.32 -25.54 -5.40
N GLY G 12 27.17 -26.53 -5.16
CA GLY G 12 27.74 -27.29 -6.25
C GLY G 12 27.12 -28.64 -6.55
N PRO G 13 27.61 -29.33 -7.60
CA PRO G 13 27.11 -30.63 -8.02
C PRO G 13 27.76 -31.81 -7.30
N GLY G 14 28.67 -31.51 -6.39
CA GLY G 14 29.35 -32.58 -5.66
C GLY G 14 28.47 -33.36 -4.68
N GLY G 15 29.05 -34.37 -4.05
CA GLY G 15 28.31 -35.19 -3.09
C GLY G 15 27.13 -35.98 -3.64
N ASN G 16 26.26 -36.45 -2.75
CA ASN G 16 25.09 -37.22 -3.16
C ASN G 16 23.83 -36.45 -2.89
N GLY G 17 22.92 -36.49 -3.84
CA GLY G 17 21.66 -35.78 -3.70
C GLY G 17 20.71 -36.44 -2.73
N TRP G 18 20.00 -35.62 -1.99
CA TRP G 18 19.00 -36.11 -1.04
C TRP G 18 17.84 -35.13 -1.05
N ASP G 19 16.65 -35.64 -0.74
CA ASP G 19 15.43 -34.82 -0.68
C ASP G 19 14.63 -35.34 0.50
N ASP G 20 14.45 -34.52 1.51
CA ASP G 20 13.69 -35.00 2.64
C ASP G 20 12.20 -35.01 2.41
N GLY G 21 11.77 -34.35 1.34
CA GLY G 21 10.35 -34.28 1.01
C GLY G 21 9.69 -33.08 1.68
N SER G 22 8.36 -33.15 1.79
CA SER G 22 7.59 -32.06 2.37
C SER G 22 6.82 -32.46 3.60
N TYR G 23 6.63 -31.48 4.47
CA TYR G 23 5.92 -31.69 5.73
C TYR G 23 4.96 -30.54 6.04
N THR G 24 4.58 -30.42 7.32
CA THR G 24 3.67 -29.38 7.75
C THR G 24 4.40 -28.14 8.21
N GLY G 25 5.64 -28.29 8.65
CA GLY G 25 6.39 -27.13 9.11
C GLY G 25 7.75 -27.50 9.64
N ILE G 26 8.43 -26.54 10.25
CA ILE G 26 9.75 -26.82 10.78
C ILE G 26 9.82 -26.50 12.26
N ARG G 27 10.32 -27.46 13.03
CA ARG G 27 10.44 -27.28 14.47
C ARG G 27 11.89 -27.03 14.92
N GLN G 28 12.82 -27.79 14.38
CA GLN G 28 14.20 -27.65 14.80
C GLN G 28 15.18 -27.94 13.67
N ILE G 29 16.29 -27.20 13.65
CA ILE G 29 17.32 -27.40 12.63
C ILE G 29 18.65 -27.65 13.32
N GLU G 30 19.33 -28.71 12.90
CA GLU G 30 20.63 -29.09 13.45
C GLU G 30 21.72 -29.10 12.38
N LEU G 31 22.75 -28.28 12.56
CA LEU G 31 23.84 -28.25 11.61
C LEU G 31 25.20 -28.16 12.31
N SER G 32 26.25 -28.56 11.59
CA SER G 32 27.60 -28.49 12.11
C SER G 32 28.37 -27.54 11.18
N TYR G 33 29.33 -26.81 11.74
CA TYR G 33 30.06 -25.88 10.93
C TYR G 33 31.43 -25.56 11.48
N LYS G 34 32.23 -24.95 10.62
CA LYS G 34 33.56 -24.51 10.97
C LYS G 34 33.85 -23.48 9.87
N GLU G 35 34.54 -23.90 8.81
CA GLU G 35 34.86 -22.99 7.73
C GLU G 35 33.81 -23.15 6.62
N ALA G 36 33.03 -24.21 6.73
CA ALA G 36 31.95 -24.53 5.79
C ALA G 36 30.87 -25.24 6.61
N ILE G 37 29.73 -25.56 5.99
CA ILE G 37 28.69 -26.27 6.74
C ILE G 37 28.89 -27.77 6.55
N GLY G 38 28.87 -28.50 7.66
CA GLY G 38 29.06 -29.93 7.58
C GLY G 38 27.74 -30.68 7.61
N SER G 39 27.28 -31.02 8.80
CA SER G 39 26.04 -31.76 8.97
C SER G 39 24.80 -30.89 8.83
N PHE G 40 23.70 -31.51 8.45
CA PHE G 40 22.45 -30.80 8.30
C PHE G 40 21.30 -31.79 8.40
N SER G 41 20.41 -31.56 9.37
CA SER G 41 19.26 -32.43 9.56
C SER G 41 18.19 -31.60 10.27
N VAL G 42 16.93 -31.97 10.09
CA VAL G 42 15.91 -31.19 10.71
C VAL G 42 14.79 -32.00 11.32
N ILE G 43 14.15 -31.40 12.31
CA ILE G 43 13.00 -32.02 12.94
C ILE G 43 11.83 -31.20 12.42
N TYR G 44 11.04 -31.85 11.60
CA TYR G 44 9.87 -31.25 10.99
C TYR G 44 8.65 -31.41 11.86
N ASP G 45 7.60 -30.68 11.48
CA ASP G 45 6.34 -30.86 12.15
C ASP G 45 5.55 -31.66 11.13
N LEU G 46 4.87 -32.72 11.59
CA LEU G 46 4.04 -33.51 10.70
C LEU G 46 2.66 -33.56 11.34
N ASN G 47 1.79 -32.65 10.90
CA ASN G 47 0.44 -32.59 11.41
C ASN G 47 0.38 -32.49 12.96
N GLY G 48 1.20 -31.63 13.54
CA GLY G 48 1.17 -31.44 14.98
C GLY G 48 2.18 -32.22 15.80
N ASP G 49 2.74 -33.28 15.24
CA ASP G 49 3.74 -34.11 15.94
C ASP G 49 5.17 -33.93 15.38
N PRO G 50 6.18 -33.94 16.27
CA PRO G 50 7.56 -33.79 15.79
C PRO G 50 7.89 -34.98 14.92
N PHE G 51 8.70 -34.78 13.88
CA PHE G 51 9.07 -35.86 12.98
C PHE G 51 10.52 -35.64 12.54
N SER G 52 11.37 -36.60 12.85
CA SER G 52 12.78 -36.53 12.49
C SER G 52 13.02 -36.82 11.02
N GLY G 53 13.59 -35.85 10.32
CA GLY G 53 13.89 -36.06 8.92
C GLY G 53 15.19 -36.84 8.86
N PRO G 54 15.54 -37.39 7.69
CA PRO G 54 16.79 -38.15 7.55
C PRO G 54 17.99 -37.29 7.96
N LYS G 55 18.99 -37.91 8.56
CA LYS G 55 20.20 -37.20 8.97
C LYS G 55 21.14 -37.09 7.77
N HIS G 56 21.74 -35.91 7.58
CA HIS G 56 22.70 -35.71 6.50
C HIS G 56 23.95 -35.25 7.22
N THR G 57 24.49 -36.21 7.96
CA THR G 57 25.62 -36.00 8.81
C THR G 57 26.99 -36.01 8.15
N SER G 58 27.84 -35.12 8.62
CA SER G 58 29.21 -34.97 8.14
C SER G 58 30.16 -35.56 9.18
N LYS G 59 31.21 -36.24 8.72
CA LYS G 59 32.17 -36.85 9.63
C LYS G 59 33.20 -35.85 10.17
N LEU G 60 33.35 -34.71 9.50
CA LEU G 60 34.31 -33.69 9.96
C LEU G 60 34.02 -33.30 11.42
N PRO G 61 35.07 -32.99 12.18
CA PRO G 61 34.91 -32.60 13.58
C PRO G 61 34.53 -31.13 13.67
N TYR G 62 33.28 -30.83 13.35
CA TYR G 62 32.78 -29.46 13.36
C TYR G 62 31.94 -29.18 14.60
N LYS G 63 31.73 -27.89 14.87
CA LYS G 63 30.93 -27.46 16.01
C LYS G 63 29.45 -27.62 15.69
N ASN G 64 28.70 -28.24 16.60
CA ASN G 64 27.28 -28.47 16.40
C ASN G 64 26.43 -27.36 17.00
N VAL G 65 25.30 -27.07 16.36
CA VAL G 65 24.37 -26.08 16.82
C VAL G 65 22.96 -26.59 16.67
N LYS G 66 22.07 -26.15 17.54
CA LYS G 66 20.68 -26.56 17.49
C LYS G 66 19.84 -25.29 17.43
N ILE G 67 19.02 -25.18 16.39
CA ILE G 67 18.16 -24.02 16.22
C ILE G 67 16.72 -24.46 16.52
N GLU G 68 16.20 -24.06 17.66
CA GLU G 68 14.84 -24.43 18.04
C GLU G 68 13.88 -23.28 17.77
N LEU G 69 12.96 -23.50 16.85
CA LEU G 69 11.98 -22.48 16.53
C LEU G 69 10.79 -22.66 17.47
N LYS G 70 10.09 -21.57 17.76
CA LYS G 70 8.92 -21.66 18.63
C LYS G 70 7.71 -21.95 17.75
N PHE G 71 7.68 -23.16 17.21
CA PHE G 71 6.60 -23.60 16.34
C PHE G 71 5.30 -23.60 17.13
N PRO G 72 4.19 -23.13 16.52
CA PRO G 72 4.10 -22.58 15.15
C PRO G 72 4.02 -21.07 15.06
N ASP G 73 4.28 -20.37 16.16
CA ASP G 73 4.22 -18.91 16.15
C ASP G 73 5.39 -18.28 15.43
N GLU G 74 6.51 -19.00 15.46
CA GLU G 74 7.74 -18.56 14.85
C GLU G 74 8.11 -19.50 13.72
N PHE G 75 8.52 -18.93 12.59
CA PHE G 75 8.92 -19.72 11.43
C PHE G 75 9.95 -18.97 10.62
N LEU G 76 10.69 -19.68 9.77
CA LEU G 76 11.71 -19.05 8.93
C LEU G 76 11.13 -18.01 8.00
N GLU G 77 11.71 -16.83 8.00
CA GLU G 77 11.30 -15.72 7.14
C GLU G 77 12.32 -15.52 6.01
N SER G 78 13.53 -16.05 6.18
CA SER G 78 14.55 -15.95 5.14
C SER G 78 15.72 -16.88 5.40
N VAL G 79 16.34 -17.33 4.32
CA VAL G 79 17.51 -18.20 4.36
C VAL G 79 18.53 -17.51 3.45
N SER G 80 19.77 -17.41 3.92
CA SER G 80 20.82 -16.80 3.14
C SER G 80 22.13 -17.48 3.46
N GLY G 81 23.11 -17.30 2.58
CA GLY G 81 24.39 -17.92 2.82
C GLY G 81 25.41 -17.65 1.74
N TYR G 82 26.51 -18.40 1.80
CA TYR G 82 27.58 -18.27 0.83
C TYR G 82 27.98 -19.62 0.27
N THR G 83 28.29 -19.62 -1.01
CA THR G 83 28.73 -20.80 -1.71
C THR G 83 30.05 -20.49 -2.40
N GLY G 84 30.96 -21.45 -2.36
CA GLY G 84 32.25 -21.25 -2.98
C GLY G 84 33.10 -22.49 -2.77
N PRO G 85 34.19 -22.63 -3.54
CA PRO G 85 35.05 -23.81 -3.39
C PRO G 85 35.72 -23.74 -2.01
N PHE G 86 36.21 -24.89 -1.54
CA PHE G 86 36.86 -24.97 -0.24
C PHE G 86 38.18 -25.75 -0.33
N SER G 87 39.26 -24.97 -0.25
CA SER G 87 40.65 -25.38 -0.32
C SER G 87 40.99 -26.68 0.39
N ALA G 88 40.56 -26.77 1.65
CA ALA G 88 40.79 -27.94 2.50
C ALA G 88 40.25 -29.25 1.92
N LEU G 89 39.40 -29.18 0.90
CA LEU G 89 38.87 -30.39 0.28
C LEU G 89 39.78 -30.80 -0.89
N ALA G 90 39.58 -32.00 -1.40
CA ALA G 90 40.37 -32.47 -2.53
C ALA G 90 39.62 -32.09 -3.79
N THR G 91 38.30 -32.06 -3.68
CA THR G 91 37.37 -31.70 -4.80
C THR G 91 37.32 -30.17 -4.90
N PRO G 92 37.27 -29.63 -6.13
CA PRO G 92 37.18 -28.21 -6.45
C PRO G 92 35.79 -27.59 -6.62
N THR G 93 34.75 -28.42 -6.58
CA THR G 93 33.38 -27.91 -6.74
C THR G 93 32.91 -27.05 -5.56
N PRO G 94 32.04 -26.07 -5.84
CA PRO G 94 31.50 -25.17 -4.80
C PRO G 94 30.74 -25.96 -3.71
N VAL G 95 30.78 -25.44 -2.49
CA VAL G 95 30.12 -26.05 -1.35
C VAL G 95 29.44 -24.94 -0.53
N VAL G 96 28.52 -25.28 0.37
CA VAL G 96 27.91 -24.24 1.17
C VAL G 96 28.88 -23.87 2.27
N ARG G 97 29.39 -22.65 2.18
CA ARG G 97 30.39 -22.18 3.12
C ARG G 97 29.75 -21.57 4.34
N SER G 98 28.58 -20.94 4.14
CA SER G 98 27.89 -20.28 5.22
C SER G 98 26.36 -20.32 5.12
N LEU G 99 25.70 -20.25 6.26
CA LEU G 99 24.24 -20.26 6.33
C LEU G 99 23.77 -19.27 7.40
N THR G 100 22.70 -18.55 7.11
CA THR G 100 22.11 -17.59 8.05
C THR G 100 20.58 -17.74 7.99
N PHE G 101 19.93 -17.82 9.14
CA PHE G 101 18.47 -17.98 9.22
C PHE G 101 17.82 -16.85 9.99
N LYS G 102 16.79 -16.23 9.42
CA LYS G 102 16.07 -15.17 10.11
C LYS G 102 14.63 -15.62 10.33
N THR G 103 14.11 -15.24 11.48
CA THR G 103 12.77 -15.60 11.92
C THR G 103 11.75 -14.44 11.80
N ASN G 104 10.45 -14.78 11.75
CA ASN G 104 9.41 -13.77 11.67
C ASN G 104 9.33 -13.00 12.98
N LYS G 105 9.89 -13.59 14.04
CA LYS G 105 9.90 -12.97 15.36
C LYS G 105 11.13 -12.10 15.56
N GLY G 106 11.92 -11.93 14.50
CA GLY G 106 13.09 -11.08 14.60
C GLY G 106 14.38 -11.71 15.08
N ARG G 107 14.38 -13.02 15.28
CA ARG G 107 15.60 -13.69 15.73
C ARG G 107 16.46 -14.06 14.52
N THR G 108 17.77 -13.91 14.67
CA THR G 108 18.71 -14.24 13.62
C THR G 108 19.62 -15.33 14.18
N PHE G 109 19.83 -16.40 13.43
CA PHE G 109 20.69 -17.45 13.90
C PHE G 109 22.01 -17.45 13.16
N GLY G 110 23.05 -16.97 13.84
CA GLY G 110 24.38 -16.91 13.24
C GLY G 110 24.38 -15.97 12.07
N PRO G 111 25.23 -16.17 11.06
CA PRO G 111 26.19 -16.75 10.14
C PRO G 111 27.04 -17.85 10.73
N TYR G 112 26.80 -19.06 10.25
CA TYR G 112 27.56 -20.23 10.67
C TYR G 112 28.48 -20.50 9.49
N GLY G 113 29.78 -20.59 9.76
CA GLY G 113 30.74 -20.85 8.71
C GLY G 113 31.41 -19.58 8.19
N ASP G 114 32.17 -19.71 7.11
CA ASP G 114 32.88 -18.60 6.48
C ASP G 114 31.99 -17.85 5.50
N GLU G 115 31.83 -16.56 5.73
CA GLU G 115 31.01 -15.71 4.89
C GLU G 115 31.90 -15.32 3.69
N GLU G 116 32.24 -16.33 2.88
CA GLU G 116 33.15 -16.17 1.75
C GLU G 116 32.63 -16.82 0.45
N GLY G 117 32.70 -16.10 -0.66
CA GLY G 117 32.25 -16.65 -1.92
C GLY G 117 31.09 -15.92 -2.56
N THR G 118 30.23 -16.63 -3.27
CA THR G 118 29.07 -16.02 -3.90
C THR G 118 27.82 -16.16 -3.00
N TYR G 119 27.19 -15.01 -2.74
CA TYR G 119 26.04 -14.86 -1.88
C TYR G 119 24.71 -15.31 -2.47
N PHE G 120 23.84 -15.89 -1.64
CA PHE G 120 22.49 -16.26 -2.06
C PHE G 120 21.56 -15.80 -0.92
N ASN G 121 20.37 -15.36 -1.30
CA ASN G 121 19.43 -14.79 -0.35
C ASN G 121 17.98 -15.08 -0.76
N LEU G 122 17.22 -15.72 0.12
CA LEU G 122 15.82 -16.04 -0.15
C LEU G 122 14.90 -15.42 0.89
N PRO G 123 14.44 -14.19 0.66
CA PRO G 123 13.53 -13.50 1.61
C PRO G 123 12.11 -13.97 1.28
N ILE G 124 11.36 -14.36 2.31
CA ILE G 124 10.01 -14.84 2.07
C ILE G 124 8.99 -13.87 2.61
N GLU G 125 8.17 -13.33 1.72
CA GLU G 125 7.13 -12.39 2.11
C GLU G 125 5.85 -13.13 2.50
N ASN G 126 5.54 -14.21 1.80
CA ASN G 126 4.35 -15.01 2.12
C ASN G 126 4.65 -16.45 1.71
N GLY G 127 4.39 -17.37 2.62
CA GLY G 127 4.64 -18.78 2.36
C GLY G 127 5.48 -19.36 3.49
N LEU G 128 5.66 -20.67 3.45
CA LEU G 128 6.40 -21.38 4.47
C LEU G 128 7.39 -22.39 3.88
N ILE G 129 8.58 -22.46 4.47
CA ILE G 129 9.54 -23.46 4.02
C ILE G 129 8.94 -24.69 4.67
N VAL G 130 8.77 -25.74 3.89
CA VAL G 130 8.10 -26.93 4.39
C VAL G 130 8.92 -28.22 4.22
N GLY G 131 10.15 -28.08 3.75
CA GLY G 131 11.02 -29.21 3.56
C GLY G 131 12.33 -28.75 2.95
N PHE G 132 13.39 -29.55 3.13
CA PHE G 132 14.69 -29.22 2.57
C PHE G 132 15.12 -30.29 1.61
N LYS G 133 15.99 -29.88 0.69
CA LYS G 133 16.53 -30.72 -0.38
C LYS G 133 18.01 -30.29 -0.43
N GLY G 134 18.89 -31.14 -0.91
CA GLY G 134 20.29 -30.74 -0.98
C GLY G 134 21.27 -31.82 -1.43
N ARG G 135 22.55 -31.56 -1.24
CA ARG G 135 23.58 -32.54 -1.60
C ARG G 135 24.62 -32.61 -0.49
N THR G 136 24.99 -33.82 -0.11
CA THR G 136 25.98 -34.01 0.95
C THR G 136 27.03 -35.06 0.55
N GLY G 137 28.28 -34.69 0.74
CA GLY G 137 29.39 -35.60 0.46
C GLY G 137 30.05 -35.68 1.83
N ASP G 138 31.18 -35.01 1.98
CA ASP G 138 31.86 -34.96 3.27
C ASP G 138 31.27 -33.75 4.00
N LEU G 139 30.79 -32.79 3.22
CA LEU G 139 30.16 -31.58 3.76
C LEU G 139 28.83 -31.33 3.01
N LEU G 140 28.21 -30.20 3.29
CA LEU G 140 26.97 -29.83 2.63
C LEU G 140 27.34 -29.13 1.30
N ASP G 141 27.16 -29.84 0.19
CA ASP G 141 27.50 -29.28 -1.12
C ASP G 141 26.47 -28.27 -1.61
N ALA G 142 25.19 -28.58 -1.43
CA ALA G 142 24.14 -27.70 -1.88
C ALA G 142 22.90 -27.79 -0.97
N ILE G 143 22.08 -26.76 -1.01
CA ILE G 143 20.87 -26.69 -0.20
C ILE G 143 19.72 -26.12 -1.03
N GLY G 144 18.53 -26.71 -0.88
CA GLY G 144 17.37 -26.23 -1.61
C GLY G 144 16.16 -26.24 -0.71
N ILE G 145 15.07 -25.62 -1.13
CA ILE G 145 13.88 -25.53 -0.30
C ILE G 145 12.54 -25.89 -0.96
N HIS G 146 11.63 -26.51 -0.19
CA HIS G 146 10.27 -26.82 -0.66
C HIS G 146 9.38 -25.78 0.03
N MET G 147 8.39 -25.23 -0.65
CA MET G 147 7.52 -24.22 -0.05
C MET G 147 6.03 -24.46 -0.26
N SER G 148 5.22 -23.96 0.67
CA SER G 148 3.76 -24.08 0.64
C SER G 148 3.09 -22.93 1.35
N LEU G 149 1.78 -22.84 1.22
CA LEU G 149 1.02 -21.79 1.90
C LEU G 149 0.52 -22.31 3.27
N AYA H 1 -10.09 -12.71 -0.86
CA AYA H 1 -8.75 -13.03 -1.33
CB AYA H 1 -7.97 -11.71 -1.36
C AYA H 1 -7.65 -14.01 -1.69
O AYA H 1 -7.01 -14.56 -0.83
CT AYA H 1 -11.05 -13.62 -0.76
OT AYA H 1 -11.50 -14.15 -1.76
CM AYA H 1 -11.54 -13.95 0.64
N SER H 2 -7.51 -14.96 -3.04
CA SER H 2 -6.54 -16.03 -2.83
C SER H 2 -5.15 -15.40 -2.65
N GLN H 3 -4.19 -16.19 -2.21
CA GLN H 3 -2.83 -15.69 -2.00
C GLN H 3 -1.84 -16.57 -2.75
N THR H 4 -0.62 -16.07 -2.91
CA THR H 4 0.42 -16.86 -3.61
C THR H 4 1.70 -16.76 -2.78
N ILE H 5 2.59 -17.72 -2.95
CA ILE H 5 3.87 -17.67 -2.27
C ILE H 5 4.57 -16.47 -2.87
N THR H 6 4.97 -15.54 -2.02
CA THR H 6 5.60 -14.33 -2.51
C THR H 6 6.99 -14.30 -1.96
N VAL H 7 7.94 -14.21 -2.87
CA VAL H 7 9.30 -14.26 -2.46
C VAL H 7 10.08 -13.04 -2.87
N GLY H 8 11.05 -12.72 -2.05
CA GLY H 8 11.89 -11.60 -2.35
C GLY H 8 11.34 -10.44 -1.56
N PRO H 9 11.40 -8.77 -1.74
CA PRO H 9 11.98 -7.90 -2.71
C PRO H 9 13.48 -7.86 -2.65
N TRP H 10 14.13 -7.78 -3.82
CA TRP H 10 15.58 -7.64 -3.88
C TRP H 10 15.70 -6.20 -4.32
N GLY H 11 16.49 -5.43 -3.60
CA GLY H 11 16.64 -4.02 -3.94
C GLY H 11 16.51 -3.14 -2.72
N GLY H 12 16.34 -1.84 -2.95
CA GLY H 12 16.23 -0.90 -1.85
C GLY H 12 14.82 -0.46 -1.51
N PRO H 13 14.68 0.36 -0.47
CA PRO H 13 13.39 0.88 0.00
C PRO H 13 12.90 2.15 -0.71
N GLY H 14 13.67 2.62 -1.69
CA GLY H 14 13.30 3.84 -2.41
C GLY H 14 12.09 3.70 -3.34
N GLY H 15 11.68 4.80 -3.95
CA GLY H 15 10.56 4.79 -4.85
C GLY H 15 9.21 4.45 -4.23
N ASN H 16 8.24 4.12 -5.08
CA ASN H 16 6.90 3.78 -4.61
C ASN H 16 6.63 2.30 -4.85
N GLY H 17 6.03 1.66 -3.87
CA GLY H 17 5.73 0.26 -4.00
C GLY H 17 4.54 0.00 -4.89
N TRP H 18 4.62 -1.10 -5.64
CA TRP H 18 3.55 -1.54 -6.52
C TRP H 18 3.51 -3.08 -6.48
N ASP H 19 2.35 -3.64 -6.78
CA ASP H 19 2.15 -5.08 -6.80
C ASP H 19 1.16 -5.33 -7.93
N ASP H 20 1.61 -6.01 -8.98
CA ASP H 20 0.70 -6.26 -10.06
C ASP H 20 -0.29 -7.37 -9.74
N GLY H 21 -0.01 -8.12 -8.68
CA GLY H 21 -0.90 -9.22 -8.32
C GLY H 21 -0.51 -10.53 -9.00
N SER H 22 -1.43 -11.48 -9.04
CA SER H 22 -1.17 -12.79 -9.62
C SER H 22 -2.04 -13.10 -10.81
N TYR H 23 -1.48 -13.89 -11.73
CA TYR H 23 -2.17 -14.27 -12.95
C TYR H 23 -1.97 -15.75 -13.28
N THR H 24 -2.17 -16.12 -14.54
CA THR H 24 -2.03 -17.50 -14.94
C THR H 24 -0.63 -17.81 -15.45
N GLY H 25 0.08 -16.80 -15.90
CA GLY H 25 1.42 -17.04 -16.41
C GLY H 25 2.00 -15.78 -17.01
N ILE H 26 3.17 -15.91 -17.65
CA ILE H 26 3.82 -14.74 -18.25
C ILE H 26 4.02 -14.90 -19.75
N ARG H 27 3.60 -13.91 -20.51
CA ARG H 27 3.75 -13.95 -21.96
C ARG H 27 4.88 -13.07 -22.46
N GLN H 28 4.95 -11.85 -21.93
CA GLN H 28 5.97 -10.92 -22.39
C GLN H 28 6.47 -9.97 -21.30
N ILE H 29 7.76 -9.66 -21.33
CA ILE H 29 8.35 -8.75 -20.35
C ILE H 29 9.02 -7.59 -21.09
N GLU H 30 8.71 -6.38 -20.66
CA GLU H 30 9.25 -5.17 -21.26
C GLU H 30 10.01 -4.34 -20.23
N LEU H 31 11.30 -4.12 -20.48
CA LEU H 31 12.08 -3.32 -19.56
C LEU H 31 13.02 -2.37 -20.31
N SER H 32 13.45 -1.30 -19.63
CA SER H 32 14.38 -0.36 -20.23
C SER H 32 15.63 -0.42 -19.35
N TYR H 33 16.79 -0.19 -19.95
CA TYR H 33 18.02 -0.26 -19.18
C TYR H 33 19.13 0.54 -19.80
N LYS H 34 20.16 0.75 -18.99
CA LYS H 34 21.36 1.45 -19.38
C LYS H 34 22.39 0.99 -18.34
N GLU H 35 22.60 1.79 -17.30
CA GLU H 35 23.53 1.42 -16.22
C GLU H 35 22.74 0.77 -15.07
N ALA H 36 21.42 0.89 -15.14
CA ALA H 36 20.51 0.31 -14.15
C ALA H 36 19.22 -0.04 -14.90
N ILE H 37 18.24 -0.65 -14.23
CA ILE H 37 16.99 -0.97 -14.92
C ILE H 37 16.03 0.18 -14.71
N GLY H 38 15.41 0.62 -15.80
CA GLY H 38 14.48 1.72 -15.70
C GLY H 38 13.05 1.25 -15.64
N SER H 39 12.42 1.13 -16.82
CA SER H 39 11.05 0.70 -16.92
C SER H 39 10.88 -0.80 -16.77
N PHE H 40 9.70 -1.19 -16.31
CA PHE H 40 9.38 -2.59 -16.12
C PHE H 40 7.87 -2.81 -16.17
N SER H 41 7.42 -3.61 -17.13
CA SER H 41 6.01 -3.89 -17.24
C SER H 41 5.87 -5.25 -17.90
N VAL H 42 4.76 -5.95 -17.67
CA VAL H 42 4.66 -7.24 -18.29
C VAL H 42 3.28 -7.53 -18.83
N ILE H 43 3.25 -8.42 -19.81
CA ILE H 43 2.01 -8.87 -20.39
C ILE H 43 1.88 -10.30 -19.88
N TYR H 44 0.90 -10.47 -19.01
CA TYR H 44 0.61 -11.72 -18.36
C TYR H 44 -0.39 -12.51 -19.16
N ASP H 45 -0.54 -13.76 -18.78
CA ASP H 45 -1.57 -14.57 -19.39
C ASP H 45 -2.66 -14.59 -18.33
N LEU H 46 -3.90 -14.43 -18.75
CA LEU H 46 -4.99 -14.51 -17.80
C LEU H 46 -5.95 -15.52 -18.39
N ASN H 47 -5.85 -16.76 -17.93
CA ASN H 47 -6.73 -17.83 -18.39
C ASN H 47 -6.77 -17.97 -19.91
N GLY H 48 -5.61 -17.89 -20.56
CA GLY H 48 -5.57 -18.07 -22.00
C GLY H 48 -5.52 -16.80 -22.84
N ASP H 49 -5.88 -15.66 -22.26
CA ASP H 49 -5.86 -14.41 -22.99
C ASP H 49 -4.76 -13.47 -22.49
N PRO H 50 -4.13 -12.71 -23.40
CA PRO H 50 -3.09 -11.77 -22.98
C PRO H 50 -3.72 -10.72 -22.09
N PHE H 51 -2.97 -10.26 -21.11
CA PHE H 51 -3.47 -9.24 -20.18
C PHE H 51 -2.31 -8.31 -19.83
N SER H 52 -2.50 -7.02 -20.11
CA SER H 52 -1.47 -6.03 -19.82
C SER H 52 -1.45 -5.64 -18.36
N GLY H 53 -0.29 -5.82 -17.72
CA GLY H 53 -0.19 -5.47 -16.32
C GLY H 53 0.08 -3.99 -16.28
N PRO H 54 -0.05 -3.37 -15.10
CA PRO H 54 0.20 -1.92 -15.00
C PRO H 54 1.63 -1.61 -15.47
N LYS H 55 1.81 -0.45 -16.10
CA LYS H 55 3.12 -0.01 -16.57
C LYS H 55 3.87 0.65 -15.40
N HIS H 56 5.15 0.30 -15.24
CA HIS H 56 5.99 0.89 -14.20
C HIS H 56 7.13 1.53 -14.97
N THR H 57 6.74 2.54 -15.73
CA THR H 57 7.62 3.26 -16.63
C THR H 57 8.55 4.27 -16.00
N SER H 58 9.78 4.29 -16.54
CA SER H 58 10.82 5.21 -16.11
C SER H 58 10.96 6.31 -17.17
N LYS H 59 11.19 7.54 -16.72
CA LYS H 59 11.35 8.65 -17.64
C LYS H 59 12.74 8.75 -18.25
N LEU H 60 13.74 8.10 -17.63
CA LEU H 60 15.10 8.13 -18.16
C LEU H 60 15.14 7.64 -19.60
N PRO H 61 16.03 8.22 -20.43
CA PRO H 61 16.15 7.81 -21.84
C PRO H 61 16.99 6.53 -21.95
N TYR H 62 16.39 5.42 -21.56
CA TYR H 62 17.07 4.13 -21.59
C TYR H 62 16.67 3.29 -22.81
N LYS H 63 17.47 2.28 -23.10
CA LYS H 63 17.21 1.40 -24.23
C LYS H 63 16.11 0.41 -23.85
N ASN H 64 15.13 0.25 -24.72
CA ASN H 64 14.02 -0.65 -24.46
C ASN H 64 14.25 -2.04 -25.07
N VAL H 65 13.74 -3.07 -24.39
CA VAL H 65 13.85 -4.44 -24.87
C VAL H 65 12.53 -5.14 -24.64
N LYS H 66 12.22 -6.10 -25.50
CA LYS H 66 10.99 -6.85 -25.37
C LYS H 66 11.38 -8.32 -25.32
N ILE H 67 10.97 -8.99 -24.25
CA ILE H 67 11.24 -10.41 -24.07
C ILE H 67 9.94 -11.19 -24.30
N GLU H 68 9.84 -11.85 -25.45
CA GLU H 68 8.65 -12.62 -25.75
C GLU H 68 8.87 -14.11 -25.48
N LEU H 69 8.14 -14.65 -24.52
CA LEU H 69 8.26 -16.06 -24.19
C LEU H 69 7.29 -16.83 -25.08
N LYS H 70 7.60 -18.08 -25.35
CA LYS H 70 6.72 -18.88 -26.17
C LYS H 70 5.74 -19.59 -25.25
N PHE H 71 4.84 -18.81 -24.68
CA PHE H 71 3.83 -19.31 -23.76
C PHE H 71 2.92 -20.29 -24.52
N PRO H 72 2.57 -21.43 -23.88
CA PRO H 72 2.97 -21.83 -22.52
C PRO H 72 4.06 -22.90 -22.46
N ASP H 73 4.72 -23.18 -23.58
CA ASP H 73 5.76 -24.21 -23.60
C ASP H 73 7.04 -23.72 -22.96
N GLU H 74 7.23 -22.40 -23.03
CA GLU H 74 8.40 -21.78 -22.47
C GLU H 74 8.01 -20.87 -21.31
N PHE H 75 8.76 -20.95 -20.21
CA PHE H 75 8.49 -20.11 -19.05
C PHE H 75 9.79 -19.85 -18.29
N LEU H 76 9.80 -18.81 -17.48
CA LEU H 76 10.98 -18.48 -16.68
C LEU H 76 11.37 -19.61 -15.72
N GLU H 77 12.65 -19.97 -15.77
CA GLU H 77 13.23 -20.99 -14.93
C GLU H 77 14.13 -20.35 -13.86
N SER H 78 14.51 -19.09 -14.06
CA SER H 78 15.34 -18.37 -13.08
C SER H 78 15.42 -16.89 -13.35
N VAL H 79 15.54 -16.12 -12.28
CA VAL H 79 15.66 -14.66 -12.36
C VAL H 79 16.87 -14.35 -11.50
N SER H 80 17.75 -13.48 -11.99
CA SER H 80 18.95 -13.10 -11.25
C SER H 80 19.32 -11.68 -11.61
N GLY H 81 20.17 -11.07 -10.80
CA GLY H 81 20.57 -9.71 -11.10
C GLY H 81 21.45 -9.12 -10.04
N TYR H 82 21.65 -7.81 -10.14
CA TYR H 82 22.48 -7.10 -9.20
C TYR H 82 21.77 -5.89 -8.61
N THR H 83 22.03 -5.63 -7.34
CA THR H 83 21.45 -4.53 -6.59
C THR H 83 22.61 -3.74 -5.99
N GLY H 84 22.51 -2.42 -6.07
CA GLY H 84 23.56 -1.57 -5.51
C GLY H 84 23.19 -0.12 -5.69
N PRO H 85 23.86 0.79 -4.99
CA PRO H 85 23.53 2.22 -5.15
C PRO H 85 23.94 2.64 -6.56
N PHE H 86 23.42 3.78 -7.00
CA PHE H 86 23.73 4.30 -8.32
C PHE H 86 24.05 5.80 -8.26
N SER H 87 25.34 6.08 -8.39
CA SER H 87 25.96 7.41 -8.39
C SER H 87 25.18 8.52 -9.03
N ALA H 88 24.76 8.25 -10.26
CA ALA H 88 24.01 9.20 -11.09
C ALA H 88 22.70 9.69 -10.46
N LEU H 89 22.24 9.02 -9.40
CA LEU H 89 21.00 9.43 -8.73
C LEU H 89 21.36 10.38 -7.58
N ALA H 90 20.35 11.06 -7.04
CA ALA H 90 20.56 11.98 -5.92
C ALA H 90 20.38 11.19 -4.65
N THR H 91 19.55 10.15 -4.73
CA THR H 91 19.28 9.29 -3.59
C THR H 91 20.36 8.20 -3.52
N PRO H 92 20.77 7.80 -2.29
CA PRO H 92 21.80 6.79 -2.01
C PRO H 92 21.33 5.35 -1.83
N THR H 93 20.01 5.14 -1.82
CA THR H 93 19.47 3.79 -1.61
C THR H 93 19.72 2.85 -2.79
N PRO H 94 19.92 1.55 -2.51
CA PRO H 94 20.17 0.53 -3.54
C PRO H 94 19.04 0.46 -4.58
N VAL H 95 19.42 0.14 -5.81
CA VAL H 95 18.46 0.05 -6.91
C VAL H 95 18.80 -1.23 -7.71
N VAL H 96 17.90 -1.72 -8.57
CA VAL H 96 18.25 -2.90 -9.33
C VAL H 96 19.10 -2.41 -10.50
N ARG H 97 20.37 -2.81 -10.46
CA ARG H 97 21.32 -2.38 -11.47
C ARG H 97 21.28 -3.28 -12.70
N SER H 98 20.98 -4.55 -12.47
CA SER H 98 20.95 -5.52 -13.56
C SER H 98 19.93 -6.64 -13.37
N LEU H 99 19.49 -7.23 -14.48
CA LEU H 99 18.53 -8.33 -14.49
C LEU H 99 18.92 -9.32 -15.58
N THR H 100 18.74 -10.61 -15.29
CA THR H 100 19.02 -11.68 -16.25
C THR H 100 17.89 -12.70 -16.11
N PHE H 101 17.33 -13.15 -17.23
CA PHE H 101 16.24 -14.14 -17.23
C PHE H 101 16.64 -15.40 -18.01
N LYS H 102 16.38 -16.56 -17.43
CA LYS H 102 16.68 -17.82 -18.11
C LYS H 102 15.39 -18.60 -18.26
N THR H 103 15.27 -19.26 -19.41
CA THR H 103 14.08 -20.01 -19.78
C THR H 103 14.25 -21.51 -19.65
N ASN H 104 13.15 -22.25 -19.54
CA ASN H 104 13.22 -23.71 -19.45
C ASN H 104 13.68 -24.30 -20.77
N LYS H 105 13.57 -23.51 -21.85
CA LYS H 105 13.98 -23.93 -23.17
C LYS H 105 15.45 -23.62 -23.43
N GLY H 106 16.15 -23.13 -22.41
CA GLY H 106 17.56 -22.82 -22.58
C GLY H 106 17.92 -21.44 -23.09
N ARG H 107 16.94 -20.56 -23.26
CA ARG H 107 17.25 -19.22 -23.73
C ARG H 107 17.62 -18.33 -22.56
N THR H 108 18.59 -17.46 -22.77
CA THR H 108 19.00 -16.53 -21.74
C THR H 108 18.78 -15.13 -22.30
N PHE H 109 18.15 -14.25 -21.52
CA PHE H 109 17.92 -12.89 -21.98
C PHE H 109 18.84 -11.91 -21.29
N GLY H 110 19.85 -11.47 -22.03
CA GLY H 110 20.80 -10.51 -21.50
C GLY H 110 21.56 -11.13 -20.36
N PRO H 111 21.99 -10.37 -19.36
CA PRO H 111 22.26 -9.23 -18.48
C PRO H 111 21.96 -7.87 -19.09
N TYR H 112 20.95 -7.21 -18.54
CA TYR H 112 20.56 -5.88 -18.98
C TYR H 112 21.01 -4.98 -17.82
N GLY H 113 21.81 -3.97 -18.13
CA GLY H 113 22.31 -3.08 -17.09
C GLY H 113 23.71 -3.43 -16.63
N ASP H 114 24.19 -2.75 -15.59
CA ASP H 114 25.52 -2.97 -15.04
C ASP H 114 25.49 -4.10 -14.04
N GLU H 115 26.33 -5.09 -14.27
CA GLU H 115 26.42 -6.25 -13.40
C GLU H 115 27.39 -5.87 -12.26
N GLU H 116 26.93 -4.91 -11.46
CA GLU H 116 27.70 -4.35 -10.37
C GLU H 116 26.90 -4.30 -9.05
N GLY H 117 27.54 -4.70 -7.95
CA GLY H 117 26.88 -4.67 -6.66
C GLY H 117 26.68 -6.02 -6.01
N THR H 118 25.60 -6.16 -5.26
CA THR H 118 25.33 -7.42 -4.61
C THR H 118 24.34 -8.27 -5.45
N TYR H 119 24.78 -9.50 -5.71
CA TYR H 119 24.07 -10.49 -6.51
C TYR H 119 22.88 -11.17 -5.85
N PHE H 120 21.85 -11.45 -6.64
CA PHE H 120 20.68 -12.20 -6.16
C PHE H 120 20.36 -13.21 -7.26
N ASN H 121 19.91 -14.39 -6.84
CA ASN H 121 19.67 -15.47 -7.79
C ASN H 121 18.52 -16.35 -7.32
N LEU H 122 17.50 -16.49 -8.16
CA LEU H 122 16.35 -17.32 -7.83
C LEU H 122 16.13 -18.42 -8.85
N PRO H 123 16.74 -19.59 -8.62
CA PRO H 123 16.61 -20.74 -9.53
C PRO H 123 15.34 -21.49 -9.16
N ILE H 124 14.50 -21.77 -10.13
CA ILE H 124 13.25 -22.47 -9.85
C ILE H 124 13.24 -23.89 -10.39
N GLU H 125 13.12 -24.85 -9.48
CA GLU H 125 13.11 -26.26 -9.86
C GLU H 125 11.69 -26.72 -10.19
N ASN H 126 10.72 -26.22 -9.44
CA ASN H 126 9.34 -26.57 -9.70
C ASN H 126 8.46 -25.40 -9.25
N GLY H 127 7.58 -24.97 -10.13
CA GLY H 127 6.72 -23.84 -9.85
C GLY H 127 6.79 -22.85 -11.00
N LEU H 128 5.95 -21.84 -10.94
CA LEU H 128 5.87 -20.84 -11.99
C LEU H 128 5.81 -19.43 -11.41
N ILE H 129 6.51 -18.49 -12.03
CA ILE H 129 6.43 -17.10 -11.59
C ILE H 129 5.08 -16.72 -12.19
N VAL H 130 4.23 -16.11 -11.37
CA VAL H 130 2.89 -15.82 -11.81
C VAL H 130 2.49 -14.34 -11.65
N GLY H 131 3.45 -13.53 -11.22
CA GLY H 131 3.19 -12.12 -11.05
C GLY H 131 4.42 -11.44 -10.48
N PHE H 132 4.52 -10.14 -10.69
CA PHE H 132 5.65 -9.40 -10.17
C PHE H 132 5.19 -8.34 -9.18
N LYS H 133 6.11 -7.98 -8.30
CA LYS H 133 5.91 -7.00 -7.24
C LYS H 133 7.21 -6.20 -7.24
N GLY H 134 7.16 -4.93 -6.81
CA GLY H 134 8.39 -4.15 -6.80
C GLY H 134 8.26 -2.71 -6.37
N ARG H 135 9.30 -1.92 -6.62
CA ARG H 135 9.28 -0.51 -6.26
C ARG H 135 9.90 0.27 -7.42
N THR H 136 9.23 1.37 -7.77
CA THR H 136 9.67 2.24 -8.85
C THR H 136 9.60 3.71 -8.46
N GLY H 137 10.70 4.43 -8.68
CA GLY H 137 10.78 5.85 -8.41
C GLY H 137 11.10 6.40 -9.79
N ASP H 138 12.35 6.78 -10.02
CA ASP H 138 12.78 7.24 -11.34
C ASP H 138 13.22 5.99 -12.09
N LEU H 139 13.66 4.98 -11.32
CA LEU H 139 14.13 3.68 -11.85
C LEU H 139 13.47 2.56 -11.08
N LEU H 140 13.90 1.33 -11.37
CA LEU H 140 13.39 0.17 -10.67
C LEU H 140 14.22 0.02 -9.38
N ASP H 141 13.63 0.35 -8.24
CA ASP H 141 14.32 0.23 -6.96
C ASP H 141 14.41 -1.20 -6.43
N ALA H 142 13.31 -1.95 -6.57
CA ALA H 142 13.28 -3.33 -6.11
C ALA H 142 12.34 -4.19 -6.94
N ILE H 143 12.58 -5.49 -6.92
CA ILE H 143 11.78 -6.42 -7.68
C ILE H 143 11.49 -7.62 -6.81
N GLY H 144 10.27 -8.16 -6.94
CA GLY H 144 9.84 -9.32 -6.17
C GLY H 144 8.98 -10.23 -7.04
N ILE H 145 8.75 -11.47 -6.59
CA ILE H 145 7.99 -12.43 -7.36
C ILE H 145 6.84 -13.18 -6.64
N HIS H 146 5.77 -13.47 -7.37
CA HIS H 146 4.63 -14.25 -6.85
C HIS H 146 4.78 -15.61 -7.56
N MET H 147 4.57 -16.71 -6.83
CA MET H 147 4.70 -18.04 -7.43
C MET H 147 3.53 -18.97 -7.16
N SER H 148 3.31 -19.90 -8.09
CA SER H 148 2.25 -20.91 -8.00
C SER H 148 2.63 -22.18 -8.71
N LEU H 149 1.80 -23.21 -8.56
CA LEU H 149 2.05 -24.49 -9.21
C LEU H 149 1.26 -24.56 -10.51
C1 MAN I . -9.73 -0.80 -26.77
C2 MAN I . -9.13 -0.44 -25.41
C3 MAN I . -7.69 -0.02 -25.70
C4 MAN I . -6.94 -1.05 -26.54
C5 MAN I . -7.75 -1.51 -27.77
C6 MAN I . -7.13 -2.58 -28.52
O1 MAN I . -10.92 -1.42 -26.46
O2 MAN I . -9.14 -1.54 -24.50
O3 MAN I . -6.99 0.16 -24.46
O4 MAN I . -5.72 -0.48 -26.98
O5 MAN I . -9.07 -1.91 -27.36
O6 MAN I . -6.69 -3.65 -27.66
C1 MAN I . -6.32 1.13 -23.88
C2 MAN I . -5.17 0.76 -22.93
C3 MAN I . -5.73 0.24 -21.59
C4 MAN I . -6.73 1.24 -21.00
C5 MAN I . -7.82 1.59 -22.02
C6 MAN I . -8.75 2.68 -21.54
O2 MAN I . -4.34 1.88 -22.70
O3 MAN I . -4.66 0.02 -20.68
O4 MAN I . -7.35 0.65 -19.86
O5 MAN I . -7.21 2.06 -23.25
O6 MAN I . -8.10 3.94 -21.51
C1 MAN I . -6.39 -4.78 -28.01
C2 MAN I . -6.24 -5.96 -27.04
C3 MAN I . -5.11 -5.71 -26.04
C4 MAN I . -3.81 -5.33 -26.78
C5 MAN I . -4.12 -4.10 -27.69
C6 MAN I . -2.84 -3.97 -28.49
O2 MAN I . -5.99 -7.16 -27.76
O3 MAN I . -4.90 -6.87 -25.23
O4 MAN I . -2.84 -4.94 -25.84
O5 MAN I . -5.14 -4.51 -28.65
O6 MAN I . -2.92 -2.88 -29.40
C1 MAN J . -31.42 5.86 19.15
C2 MAN J . -30.77 6.81 18.15
C3 MAN J . -30.61 8.13 18.89
C4 MAN J . -31.93 8.59 19.54
C5 MAN J . -32.63 7.47 20.32
C6 MAN J . -33.99 7.83 20.76
O1 MAN J . -31.79 4.77 18.38
O2 MAN J . -31.55 7.00 16.97
O3 MAN J . -30.18 9.16 17.98
O4 MAN J . -31.66 9.68 20.41
O5 MAN J . -32.73 6.29 19.51
O6 MAN J . -35.14 8.20 19.97
C1 MAN J . -28.89 9.81 18.27
C2 MAN J . -28.99 11.22 17.69
C3 MAN J . -29.03 11.17 16.16
C4 MAN J . -27.87 10.33 15.60
C5 MAN J . -27.82 8.95 16.28
C6 MAN J . -26.59 8.15 15.87
O2 MAN J . -27.88 12.00 18.11
O3 MAN J . -28.99 12.49 15.62
O4 MAN J . -28.04 10.16 14.21
O5 MAN J . -27.78 9.11 17.72
O6 MAN J . -25.42 8.69 16.46
C1 MAN J . -36.27 8.55 20.20
C2 MAN J . -37.68 8.55 19.59
C3 MAN J . -37.80 9.62 18.50
C4 MAN J . -37.33 10.99 19.03
C5 MAN J . -35.93 10.88 19.66
C6 MAN J . -35.50 12.17 20.34
O2 MAN J . -38.65 8.79 20.61
O3 MAN J . -39.14 9.70 18.04
O4 MAN J . -37.28 11.92 17.97
O5 MAN J . -35.93 9.85 20.68
O6 MAN J . -35.74 13.32 21.14
C1 MAN K . 17.19 59.18 -10.24
C2 MAN K . 16.37 58.36 -9.26
C3 MAN K . 15.00 58.14 -9.92
C4 MAN K . 14.38 59.44 -10.43
C5 MAN K . 15.37 60.29 -11.24
C6 MAN K . 14.82 61.67 -11.53
O1 MAN K . 18.51 59.31 -9.92
O2 MAN K . 16.22 59.01 -8.00
O3 MAN K . 14.09 57.53 -9.00
O4 MAN K . 13.27 59.12 -11.27
O5 MAN K . 16.59 60.46 -10.49
O6 MAN K . 14.37 62.25 -10.31
C1 MAN K . 13.53 56.31 -9.41
C2 MAN K . 12.17 56.16 -8.75
C3 MAN K . 12.33 55.98 -7.23
C4 MAN K . 13.32 54.84 -6.92
C5 MAN K . 14.63 55.06 -7.66
C6 MAN K . 15.64 53.91 -7.48
O2 MAN K . 11.49 55.03 -9.29
O3 MAN K . 11.07 55.73 -6.64
O4 MAN K . 13.59 54.79 -5.52
O5 MAN K . 14.37 55.20 -9.08
O6 MAN K . 15.15 52.68 -7.99
C1 MAN K . 14.37 63.71 -10.00
C2 MAN K . 13.73 64.21 -8.71
C3 MAN K . 12.45 63.42 -8.41
C4 MAN K . 11.49 63.45 -9.63
C5 MAN K . 12.24 62.98 -10.88
C6 MAN K . 11.39 63.08 -12.14
O2 MAN K . 13.45 65.59 -8.81
O3 MAN K . 11.81 63.97 -7.27
O4 MAN K . 10.39 62.58 -9.41
O5 MAN K . 13.43 63.79 -11.07
O6 MAN K . 11.45 62.45 -13.41
C1 MAN L . -25.56 -46.96 20.66
C2 MAN L . -24.92 -45.76 19.94
C3 MAN L . -23.82 -45.05 20.72
C4 MAN L . -24.17 -44.91 22.20
C5 MAN L . -24.63 -46.25 22.81
C6 MAN L . -25.14 -45.99 24.22
O1 MAN L . -24.91 -48.15 20.40
O2 MAN L . -25.94 -44.82 19.63
O3 MAN L . -23.66 -43.72 20.18
O4 MAN L . -23.05 -44.42 22.93
O5 MAN L . -25.76 -46.77 22.07
O6 MAN L . -26.06 -44.90 24.53
C1 MAN L . -22.37 -43.34 19.79
C2 MAN L . -22.24 -41.82 19.92
C3 MAN L . -23.07 -41.11 18.86
C4 MAN L . -22.76 -41.65 17.45
C5 MAN L . -22.91 -43.17 17.44
C6 MAN L . -22.49 -43.78 16.11
O2 MAN L . -20.88 -41.44 19.77
O3 MAN L . -22.77 -39.73 18.91
O4 MAN L . -23.65 -41.07 16.50
O5 MAN L . -22.07 -43.76 18.46
O6 MAN L . -21.08 -43.70 15.90
C1 MAN L . -26.33 -44.39 25.75
C2 MAN L . -27.83 -44.13 25.61
C3 MAN L . -28.10 -42.79 24.94
C4 MAN L . -27.35 -41.66 25.66
C5 MAN L . -25.86 -42.02 25.76
C6 MAN L . -25.06 -41.00 26.57
O2 MAN L . -28.45 -44.15 26.89
O3 MAN L . -29.50 -42.53 25.00
O4 MAN L . -27.50 -40.44 24.93
O5 MAN L . -25.70 -43.30 26.42
O6 MAN L . -25.39 -41.05 27.96
C1 MAN M . 38.08 -34.41 0.72
C2 MAN M . 36.73 -34.24 0.02
C3 MAN M . 36.02 -35.56 -0.34
C4 MAN M . 37.00 -36.56 -0.92
C5 MAN M . 38.23 -36.74 -0.03
C6 MAN M . 39.24 -37.62 -0.78
O1 MAN M . 37.98 -34.52 2.08
O2 MAN M . 36.91 -33.46 -1.15
O3 MAN M . 35.00 -35.30 -1.34
O4 MAN M . 36.35 -37.82 -1.09
O5 MAN M . 38.90 -35.47 0.18
O6 MAN M . 39.55 -36.97 -2.04
C1 MAN M . 33.72 -35.63 -0.94
C2 MAN M . 32.99 -35.91 -2.25
C3 MAN M . 32.78 -34.61 -3.05
C4 MAN M . 32.08 -33.56 -2.18
C5 MAN M . 32.86 -33.37 -0.88
C6 MAN M . 32.21 -32.39 0.11
O2 MAN M . 31.73 -36.50 -1.98
O3 MAN M . 32.01 -34.88 -4.20
O4 MAN M . 31.98 -32.33 -2.89
O5 MAN M . 33.01 -34.63 -0.20
O6 MAN M . 31.00 -32.91 0.65
C1 MAN M . 40.70 -37.31 -2.48
C2 MAN M . 40.95 -36.62 -3.83
C3 MAN M . 39.82 -36.93 -4.81
C4 MAN M . 39.63 -38.45 -4.94
C5 MAN M . 39.43 -39.06 -3.54
C6 MAN M . 39.22 -40.47 -3.42
O2 MAN M . 42.18 -37.05 -4.36
O3 MAN M . 40.12 -36.37 -6.08
O4 MAN M . 38.51 -38.73 -5.78
O5 MAN M . 40.54 -38.70 -2.69
O6 MAN M . 39.35 -41.11 -2.15
C1 MAN N . 17.56 11.69 -8.63
C2 MAN N . 16.84 10.49 -7.99
C3 MAN N . 15.35 10.72 -7.68
C4 MAN N . 15.15 12.08 -7.05
C5 MAN N . 15.73 13.19 -7.93
C6 MAN N . 15.62 14.52 -7.18
O1 MAN N . 17.59 11.65 -10.00
O2 MAN N . 17.52 10.14 -6.80
O3 MAN N . 14.94 9.72 -6.72
O4 MAN N . 13.76 12.31 -6.83
O5 MAN N . 17.15 12.99 -8.15
O6 MAN N . 16.33 14.39 -5.92
C1 MAN N . 13.80 8.97 -7.00
C2 MAN N . 13.13 8.55 -5.67
C3 MAN N . 14.00 7.57 -4.91
C4 MAN N . 14.39 6.38 -5.81
C5 MAN N . 14.99 6.88 -7.14
C6 MAN N . 15.27 5.77 -8.14
O2 MAN N . 11.87 7.95 -5.93
O3 MAN N . 13.28 7.09 -3.78
O4 MAN N . 15.34 5.58 -5.14
O5 MAN N . 14.11 7.82 -7.78
O6 MAN N . 14.07 5.22 -8.66
C1 MAN N . 16.83 15.61 -5.25
C2 MAN N . 17.20 15.30 -3.79
C3 MAN N . 16.03 14.67 -3.04
C4 MAN N . 14.78 15.56 -3.18
C5 MAN N . 14.54 15.87 -4.72
C6 MAN N . 13.88 17.21 -4.65
O2 MAN N . 17.60 16.48 -3.11
O3 MAN N . 16.38 14.54 -1.66
O4 MAN N . 13.67 14.86 -2.64
O5 MAN N . 15.68 16.44 -5.28
O6 MAN N . 13.74 18.42 -3.91
C1 MAN O . 27.05 30.31 29.51
C2 MAN O . 27.24 29.08 28.62
C3 MAN O . 27.53 29.52 27.18
C4 MAN O . 26.41 30.47 26.68
C5 MAN O . 26.22 31.62 27.68
C6 MAN O . 25.06 32.52 27.31
O1 MAN O . 28.20 31.07 29.52
O2 MAN O . 26.06 28.28 28.65
O3 MAN O . 27.62 28.40 26.32
O4 MAN O . 26.78 30.99 25.42
O5 MAN O . 25.97 31.10 29.02
O6 MAN O . 23.83 31.80 27.24
C1 MAN P . -30.80 -27.04 -25.43
C2 MAN P . -29.59 -27.92 -25.74
C3 MAN P . -29.51 -29.09 -24.75
C4 MAN P . -29.57 -28.59 -23.30
C5 MAN P . -30.78 -27.66 -23.09
C6 MAN P . -30.79 -27.02 -21.72
O1 MAN P . -30.78 -25.91 -26.24
O2 MAN P . -28.39 -27.17 -25.68
O3 MAN P . -28.32 -29.84 -24.97
O4 MAN P . -29.66 -29.69 -22.42
O5 MAN P . -30.77 -26.59 -24.07
O6 MAN P . -29.77 -26.02 -21.61
#